data_8Y0P
#
_entry.id   8Y0P
#
_cell.length_a   63.921
_cell.length_b   100.758
_cell.length_c   187.320
_cell.angle_alpha   90.00
_cell.angle_beta   90.00
_cell.angle_gamma   90.00
#
_symmetry.space_group_name_H-M   'P 21 21 21'
#
loop_
_entity.id
_entity.type
_entity.pdbx_description
1 polymer 'Catenin beta-1'
2 polymer 'B-cell CLL/lymphoma 9 protein'
3 non-polymer PROLINE
4 water water
#
loop_
_entity_poly.entity_id
_entity_poly.type
_entity_poly.pdbx_seq_one_letter_code
_entity_poly.pdbx_strand_id
1 'polypeptide(L)'
;NLINYQDDAELATRAIPELTKLLNDEDQVVVNKAAVMVHQLSKKEASRHAIMRSPQMVSAIVRTMQNTNDVETARCTAGT
LHNLSHHREGLLAIFKSGGIPALVKMLGSPVDSVLFYAITTLHNLLLHQEGAKMAVRLAGGLQKMVALLNKTNVKFLAIT
TDCLQILAYGNQESKLIILASGGPQALVNIMRTYTYEKLLWTTSRVLKVLSVCSSNKPAIVEAGGMQALGLHLTDPSQRL
VQNCLWTLRNLSDAATKQEGMEGLLGTLVQLLGSDDINVVTCAAGILSNLTCNNYKNKMMVCQVGGIEALVRTVLRAGDR
EDITEPAICALRHLTSRHQEAEMAQNAVRLHYGLPVVVKLLHPPSHWPLIKATVGLIRNLALCPANHAPLREQGAIPRLV
QLLVRAHQDTQRRTSMGGTQQQFVEGVRMEEIVEGCTGALHILARDVHNRIVIRGLNTIPLFVQLLYSPIENIQRVAAGV
LCELAQDKEAAEAIEAEGATAPLTELLHSRNEGVATYAAAVLFRMSEDKPQDYKKRLSVELTSSLFRTE
;
A,B
2 'polypeptide(L)' LSQEQLEHRERSLQTLRDIQRML(NAL) L
#
# COMPACT_ATOMS: atom_id res chain seq x y z
N ALA A 12 -38.29 -37.76 -50.82
CA ALA A 12 -38.19 -39.20 -50.41
C ALA A 12 -37.69 -39.36 -48.98
N THR A 13 -36.77 -38.49 -48.57
CA THR A 13 -36.17 -38.55 -47.22
C THR A 13 -36.30 -37.25 -46.43
N ARG A 14 -36.80 -36.20 -47.08
CA ARG A 14 -36.97 -34.88 -46.44
C ARG A 14 -38.40 -34.36 -46.53
N ALA A 15 -39.17 -34.60 -45.46
CA ALA A 15 -40.52 -34.04 -45.32
C ALA A 15 -40.55 -33.06 -44.15
N ILE A 16 -39.66 -32.07 -44.23
CA ILE A 16 -39.44 -31.10 -43.15
C ILE A 16 -40.55 -30.04 -43.00
N PRO A 17 -41.02 -29.42 -44.11
CA PRO A 17 -42.01 -28.36 -43.99
C PRO A 17 -43.36 -28.82 -43.41
N GLU A 18 -43.70 -30.09 -43.61
CA GLU A 18 -44.92 -30.67 -43.07
C GLU A 18 -44.88 -30.76 -41.55
N LEU A 19 -43.75 -31.23 -41.01
CA LEU A 19 -43.54 -31.40 -39.58
C LEU A 19 -43.42 -30.08 -38.82
N THR A 20 -42.88 -29.06 -39.49
CA THR A 20 -42.72 -27.73 -38.90
C THR A 20 -44.08 -27.08 -38.64
N LYS A 21 -44.99 -27.18 -39.62
CA LYS A 21 -46.36 -26.67 -39.49
C LYS A 21 -47.15 -27.39 -38.39
N LEU A 22 -46.86 -28.67 -38.20
CA LEU A 22 -47.51 -29.49 -37.17
C LEU A 22 -47.05 -29.14 -35.76
N LEU A 23 -45.78 -28.74 -35.64
CA LEU A 23 -45.24 -28.23 -34.38
C LEU A 23 -45.81 -26.84 -34.06
N ASN A 24 -46.14 -26.10 -35.11
CA ASN A 24 -46.73 -24.76 -34.98
C ASN A 24 -48.26 -24.82 -35.01
N ASP A 25 -48.85 -25.44 -34.00
CA ASP A 25 -50.29 -25.64 -33.93
C ASP A 25 -50.82 -25.30 -32.53
N GLU A 26 -52.06 -24.81 -32.47
CA GLU A 26 -52.70 -24.45 -31.20
C GLU A 26 -53.43 -25.65 -30.56
N ASP A 27 -52.76 -26.80 -30.55
CA ASP A 27 -53.34 -28.04 -30.02
C ASP A 27 -52.29 -28.82 -29.22
N GLN A 28 -52.74 -29.43 -28.13
CA GLN A 28 -51.85 -30.16 -27.23
C GLN A 28 -51.25 -31.43 -27.84
N VAL A 29 -52.11 -32.34 -28.30
CA VAL A 29 -51.67 -33.65 -28.77
C VAL A 29 -51.01 -33.62 -30.16
N VAL A 30 -51.27 -32.56 -30.92
CA VAL A 30 -50.66 -32.40 -32.25
C VAL A 30 -49.19 -31.99 -32.12
N VAL A 31 -48.92 -31.02 -31.25
CA VAL A 31 -47.55 -30.60 -30.94
C VAL A 31 -46.80 -31.71 -30.19
N ASN A 32 -47.51 -32.40 -29.31
CA ASN A 32 -46.97 -33.52 -28.54
C ASN A 32 -46.46 -34.68 -29.41
N LYS A 33 -47.29 -35.11 -30.36
CA LYS A 33 -46.98 -36.25 -31.22
C LYS A 33 -45.88 -35.94 -32.25
N ALA A 34 -45.90 -34.71 -32.78
CA ALA A 34 -44.92 -34.27 -33.77
C ALA A 34 -43.52 -34.13 -33.19
N ALA A 35 -43.43 -33.72 -31.93
CA ALA A 35 -42.16 -33.56 -31.23
C ALA A 35 -41.44 -34.90 -31.02
N VAL A 36 -42.22 -35.96 -30.86
CA VAL A 36 -41.70 -37.32 -30.71
C VAL A 36 -41.04 -37.79 -32.01
N MET A 37 -41.72 -37.57 -33.13
CA MET A 37 -41.24 -38.00 -34.45
C MET A 37 -40.01 -37.22 -34.91
N VAL A 38 -39.91 -35.96 -34.50
CA VAL A 38 -38.76 -35.10 -34.80
C VAL A 38 -37.55 -35.55 -33.97
N HIS A 39 -37.81 -35.97 -32.73
CA HIS A 39 -36.79 -36.50 -31.84
C HIS A 39 -36.20 -37.79 -32.38
N GLN A 40 -37.02 -38.56 -33.08
CA GLN A 40 -36.59 -39.83 -33.66
C GLN A 40 -35.70 -39.66 -34.90
N LEU A 41 -35.93 -38.59 -35.66
CA LEU A 41 -35.13 -38.27 -36.85
C LEU A 41 -33.72 -37.78 -36.50
N SER A 42 -33.58 -37.23 -35.30
CA SER A 42 -32.29 -36.73 -34.80
C SER A 42 -31.39 -37.86 -34.29
N LYS A 43 -31.99 -39.02 -34.04
CA LYS A 43 -31.28 -40.20 -33.54
C LYS A 43 -30.35 -40.84 -34.58
N LYS A 44 -30.72 -40.71 -35.85
CA LYS A 44 -29.91 -41.22 -36.97
C LYS A 44 -29.04 -40.10 -37.55
N GLU A 45 -27.74 -40.38 -37.68
CA GLU A 45 -26.77 -39.39 -38.17
C GLU A 45 -26.79 -39.25 -39.69
N ALA A 46 -27.93 -38.80 -40.20
CA ALA A 46 -28.13 -38.51 -41.63
C ALA A 46 -29.36 -37.62 -41.78
N SER A 47 -30.43 -37.99 -41.08
CA SER A 47 -31.67 -37.21 -41.03
C SER A 47 -31.55 -36.05 -40.04
N ARG A 48 -30.50 -36.07 -39.22
CA ARG A 48 -30.19 -34.97 -38.30
C ARG A 48 -29.77 -33.71 -39.06
N HIS A 49 -29.11 -33.91 -40.20
CA HIS A 49 -28.67 -32.81 -41.07
C HIS A 49 -29.82 -32.12 -41.75
N ALA A 50 -30.99 -32.76 -41.75
CA ALA A 50 -32.21 -32.19 -42.33
C ALA A 50 -32.92 -31.25 -41.36
N ILE A 51 -32.91 -31.62 -40.08
CA ILE A 51 -33.51 -30.78 -39.01
C ILE A 51 -32.77 -29.45 -38.91
N MET A 52 -31.44 -29.51 -38.88
CA MET A 52 -30.61 -28.30 -39.02
C MET A 52 -30.50 -27.89 -40.49
N ARG A 53 -29.95 -26.70 -40.73
CA ARG A 53 -29.96 -26.05 -42.06
C ARG A 53 -31.35 -25.56 -42.46
N SER A 54 -32.36 -25.94 -41.67
CA SER A 54 -33.72 -25.41 -41.79
C SER A 54 -34.03 -24.55 -40.55
N PRO A 55 -33.98 -23.21 -40.70
CA PRO A 55 -34.22 -22.27 -39.59
C PRO A 55 -35.66 -22.31 -39.08
N GLN A 56 -36.61 -22.59 -39.98
CA GLN A 56 -38.02 -22.68 -39.61
C GLN A 56 -38.27 -23.83 -38.64
N MET A 57 -37.60 -24.96 -38.86
CA MET A 57 -37.73 -26.17 -38.05
C MET A 57 -37.15 -26.02 -36.64
N VAL A 58 -35.97 -25.41 -36.54
CA VAL A 58 -35.26 -25.25 -35.26
C VAL A 58 -35.96 -24.22 -34.36
N SER A 59 -36.53 -23.18 -34.97
CA SER A 59 -37.30 -22.17 -34.25
C SER A 59 -38.59 -22.74 -33.66
N ALA A 60 -39.20 -23.67 -34.40
CA ALA A 60 -40.40 -24.37 -33.94
C ALA A 60 -40.13 -25.20 -32.68
N ILE A 61 -38.94 -25.80 -32.62
CA ILE A 61 -38.51 -26.59 -31.45
C ILE A 61 -38.24 -25.69 -30.25
N VAL A 62 -37.39 -24.68 -30.43
CA VAL A 62 -37.02 -23.73 -29.37
C VAL A 62 -38.26 -23.07 -28.73
N ARG A 63 -39.23 -22.69 -29.57
CA ARG A 63 -40.48 -22.07 -29.11
C ARG A 63 -41.32 -23.04 -28.28
N THR A 64 -41.59 -24.22 -28.82
CA THR A 64 -42.45 -25.22 -28.16
C THR A 64 -41.83 -25.82 -26.89
N MET A 65 -40.49 -25.96 -26.89
CA MET A 65 -39.77 -26.43 -25.70
C MET A 65 -39.90 -25.43 -24.54
N GLN A 66 -39.81 -24.14 -24.86
CA GLN A 66 -39.91 -23.07 -23.88
C GLN A 66 -41.36 -22.82 -23.46
N ASN A 67 -42.31 -23.39 -24.22
CA ASN A 67 -43.74 -23.11 -24.00
C ASN A 67 -44.57 -24.32 -23.54
N THR A 68 -44.14 -25.52 -23.91
CA THR A 68 -44.89 -26.75 -23.61
C THR A 68 -45.17 -26.95 -22.11
N ASN A 69 -46.27 -27.63 -21.82
CA ASN A 69 -46.65 -27.93 -20.44
C ASN A 69 -46.78 -29.43 -20.17
N ASP A 70 -46.53 -30.23 -21.21
CA ASP A 70 -46.51 -31.68 -21.08
C ASP A 70 -45.08 -32.15 -20.78
N VAL A 71 -44.97 -33.15 -19.90
CA VAL A 71 -43.68 -33.69 -19.48
C VAL A 71 -42.97 -34.45 -20.61
N GLU A 72 -43.72 -35.30 -21.31
CA GLU A 72 -43.16 -36.11 -22.40
C GLU A 72 -42.68 -35.27 -23.60
N THR A 73 -43.31 -34.13 -23.83
CA THR A 73 -42.97 -33.24 -24.95
C THR A 73 -41.71 -32.44 -24.69
N ALA A 74 -41.54 -31.96 -23.46
CA ALA A 74 -40.36 -31.18 -23.05
C ALA A 74 -39.07 -31.99 -23.14
N ARG A 75 -39.18 -33.29 -22.90
CA ARG A 75 -38.04 -34.21 -22.97
C ARG A 75 -37.59 -34.46 -24.42
N CYS A 76 -38.56 -34.69 -25.30
CA CYS A 76 -38.27 -35.00 -26.71
C CYS A 76 -37.71 -33.80 -27.48
N THR A 77 -38.28 -32.62 -27.26
CA THR A 77 -37.80 -31.39 -27.89
C THR A 77 -36.39 -31.02 -27.44
N ALA A 78 -36.13 -31.18 -26.14
CA ALA A 78 -34.81 -30.89 -25.56
C ALA A 78 -33.75 -31.90 -26.01
N GLY A 79 -34.17 -33.15 -26.18
CA GLY A 79 -33.28 -34.21 -26.69
C GLY A 79 -32.90 -34.00 -28.14
N THR A 80 -33.79 -33.36 -28.90
CA THR A 80 -33.55 -33.04 -30.30
C THR A 80 -32.38 -32.06 -30.43
N LEU A 81 -32.45 -30.96 -29.66
CA LEU A 81 -31.40 -29.95 -29.64
C LEU A 81 -30.09 -30.53 -29.10
N HIS A 82 -30.21 -31.44 -28.14
CA HIS A 82 -29.06 -32.18 -27.61
C HIS A 82 -28.39 -32.99 -28.68
N ASN A 83 -29.19 -33.66 -29.51
CA ASN A 83 -28.67 -34.43 -30.64
C ASN A 83 -28.06 -33.57 -31.75
N LEU A 84 -28.65 -32.39 -31.96
CA LEU A 84 -28.14 -31.43 -32.94
C LEU A 84 -26.82 -30.81 -32.51
N SER A 85 -26.66 -30.62 -31.20
CA SER A 85 -25.49 -29.92 -30.63
C SER A 85 -24.16 -30.68 -30.75
N HIS A 86 -24.23 -31.96 -31.12
CA HIS A 86 -23.03 -32.78 -31.32
C HIS A 86 -22.30 -32.41 -32.58
N HIS A 87 -23.05 -31.91 -33.56
CA HIS A 87 -22.49 -31.44 -34.83
C HIS A 87 -22.29 -29.95 -34.78
N ARG A 88 -21.13 -29.51 -35.25
CA ARG A 88 -20.72 -28.10 -35.15
C ARG A 88 -21.65 -27.14 -35.90
N GLU A 89 -22.40 -27.67 -36.86
CA GLU A 89 -23.38 -26.88 -37.62
C GLU A 89 -24.76 -26.87 -36.96
N GLY A 90 -24.92 -27.70 -35.93
CA GLY A 90 -26.14 -27.69 -35.12
C GLY A 90 -26.10 -26.58 -34.09
N LEU A 91 -24.95 -26.41 -33.46
CA LEU A 91 -24.71 -25.37 -32.46
C LEU A 91 -24.99 -23.97 -33.01
N LEU A 92 -24.64 -23.77 -34.28
CA LEU A 92 -24.88 -22.50 -34.97
C LEU A 92 -26.37 -22.23 -35.16
N ALA A 93 -27.15 -23.30 -35.36
CA ALA A 93 -28.60 -23.17 -35.53
C ALA A 93 -29.31 -22.84 -34.22
N ILE A 94 -28.92 -23.54 -33.14
CA ILE A 94 -29.48 -23.32 -31.80
C ILE A 94 -29.21 -21.90 -31.29
N PHE A 95 -27.98 -21.43 -31.52
CA PHE A 95 -27.56 -20.09 -31.10
C PHE A 95 -28.34 -19.00 -31.83
N LYS A 96 -28.41 -19.12 -33.16
CA LYS A 96 -29.14 -18.15 -34.00
C LYS A 96 -30.65 -18.23 -33.80
N SER A 97 -31.14 -19.43 -33.45
CA SER A 97 -32.57 -19.66 -33.20
C SER A 97 -33.04 -19.10 -31.84
N GLY A 98 -32.09 -18.62 -31.03
CA GLY A 98 -32.38 -18.07 -29.72
C GLY A 98 -32.65 -19.12 -28.66
N GLY A 99 -31.93 -20.24 -28.75
CA GLY A 99 -32.13 -21.37 -27.83
C GLY A 99 -31.55 -21.16 -26.44
N ILE A 100 -30.45 -20.43 -26.36
CA ILE A 100 -29.76 -20.17 -25.10
C ILE A 100 -30.66 -19.55 -24.01
N PRO A 101 -31.37 -18.44 -24.33
CA PRO A 101 -32.29 -17.87 -23.32
C PRO A 101 -33.39 -18.83 -22.86
N ALA A 102 -33.84 -19.70 -23.77
CA ALA A 102 -34.90 -20.67 -23.45
C ALA A 102 -34.38 -21.78 -22.54
N LEU A 103 -33.22 -22.34 -22.89
CA LEU A 103 -32.56 -23.39 -22.11
C LEU A 103 -32.24 -22.97 -20.68
N VAL A 104 -31.94 -21.68 -20.50
CA VAL A 104 -31.67 -21.11 -19.18
C VAL A 104 -32.93 -21.07 -18.33
N LYS A 105 -34.05 -20.70 -18.93
CA LYS A 105 -35.36 -20.75 -18.27
C LYS A 105 -35.72 -22.19 -17.94
N MET A 106 -35.27 -23.11 -18.80
CA MET A 106 -35.50 -24.55 -18.62
C MET A 106 -34.69 -25.14 -17.46
N LEU A 107 -33.73 -24.38 -16.93
CA LEU A 107 -32.94 -24.82 -15.78
C LEU A 107 -33.72 -24.72 -14.47
N GLY A 108 -34.81 -23.96 -14.49
CA GLY A 108 -35.74 -23.88 -13.37
C GLY A 108 -36.78 -24.98 -13.39
N SER A 109 -36.57 -25.98 -14.25
CA SER A 109 -37.49 -27.10 -14.40
C SER A 109 -37.48 -28.03 -13.20
N PRO A 110 -38.68 -28.44 -12.73
CA PRO A 110 -38.82 -29.34 -11.59
C PRO A 110 -38.43 -30.81 -11.90
N VAL A 111 -38.69 -31.26 -13.12
CA VAL A 111 -38.40 -32.65 -13.52
C VAL A 111 -36.92 -32.88 -13.81
N ASP A 112 -36.39 -34.01 -13.34
CA ASP A 112 -34.97 -34.34 -13.41
C ASP A 112 -34.44 -34.61 -14.83
N SER A 113 -35.14 -35.48 -15.56
CA SER A 113 -34.68 -35.94 -16.88
C SER A 113 -34.45 -34.81 -17.88
N VAL A 114 -35.33 -33.82 -17.87
CA VAL A 114 -35.24 -32.66 -18.77
C VAL A 114 -33.98 -31.83 -18.51
N LEU A 115 -33.69 -31.57 -17.23
CA LEU A 115 -32.51 -30.80 -16.80
C LEU A 115 -31.22 -31.29 -17.45
N PHE A 116 -31.08 -32.61 -17.52
CA PHE A 116 -29.91 -33.24 -18.14
C PHE A 116 -29.76 -32.79 -19.59
N TYR A 117 -30.86 -32.85 -20.35
CA TYR A 117 -30.85 -32.43 -21.76
C TYR A 117 -30.54 -30.95 -21.91
N ALA A 118 -31.14 -30.12 -21.07
CA ALA A 118 -30.91 -28.67 -21.07
C ALA A 118 -29.45 -28.32 -20.75
N ILE A 119 -28.91 -28.92 -19.70
CA ILE A 119 -27.55 -28.62 -19.25
C ILE A 119 -26.48 -29.13 -20.21
N THR A 120 -26.70 -30.30 -20.82
CA THR A 120 -25.76 -30.87 -21.77
C THR A 120 -25.68 -30.07 -23.07
N THR A 121 -26.82 -29.51 -23.49
CA THR A 121 -26.88 -28.70 -24.68
C THR A 121 -26.13 -27.38 -24.47
N LEU A 122 -26.40 -26.74 -23.34
CA LEU A 122 -25.69 -25.53 -22.94
C LEU A 122 -24.19 -25.79 -22.82
N HIS A 123 -23.85 -26.99 -22.37
CA HIS A 123 -22.46 -27.42 -22.24
C HIS A 123 -21.77 -27.49 -23.58
N ASN A 124 -22.47 -28.03 -24.57
CA ASN A 124 -21.95 -28.08 -25.95
C ASN A 124 -21.79 -26.69 -26.54
N LEU A 125 -22.80 -25.85 -26.33
CA LEU A 125 -22.78 -24.45 -26.78
C LEU A 125 -21.60 -23.67 -26.22
N LEU A 126 -21.33 -23.87 -24.93
CA LEU A 126 -20.22 -23.20 -24.25
C LEU A 126 -18.85 -23.64 -24.75
N LEU A 127 -18.78 -24.87 -25.27
CA LEU A 127 -17.51 -25.45 -25.72
C LEU A 127 -17.12 -25.09 -27.16
N HIS A 128 -18.06 -25.17 -28.09
CA HIS A 128 -17.75 -25.04 -29.52
C HIS A 128 -18.63 -24.07 -30.29
N GLN A 129 -19.22 -23.10 -29.61
CA GLN A 129 -19.99 -22.05 -30.27
C GLN A 129 -19.54 -20.67 -29.82
N GLU A 130 -19.12 -19.85 -30.79
CA GLU A 130 -18.65 -18.49 -30.54
C GLU A 130 -19.78 -17.60 -30.01
N GLY A 131 -19.52 -16.93 -28.89
CA GLY A 131 -20.48 -16.00 -28.28
C GLY A 131 -21.50 -16.65 -27.35
N ALA A 132 -21.40 -17.96 -27.16
CA ALA A 132 -22.33 -18.69 -26.31
C ALA A 132 -22.12 -18.40 -24.83
N LYS A 133 -20.87 -18.17 -24.45
CA LYS A 133 -20.52 -17.78 -23.09
C LYS A 133 -21.25 -16.50 -22.66
N MET A 134 -21.10 -15.44 -23.46
CA MET A 134 -21.77 -14.16 -23.24
C MET A 134 -23.29 -14.31 -23.06
N ALA A 135 -23.93 -15.01 -23.99
CA ALA A 135 -25.39 -15.18 -24.02
C ALA A 135 -25.95 -15.94 -22.81
N VAL A 136 -25.18 -16.91 -22.30
CA VAL A 136 -25.57 -17.67 -21.10
C VAL A 136 -25.48 -16.78 -19.85
N ARG A 137 -24.44 -15.96 -19.79
CA ARG A 137 -24.23 -15.04 -18.67
C ARG A 137 -25.37 -14.02 -18.57
N LEU A 138 -25.72 -13.43 -19.72
CA LEU A 138 -26.74 -12.38 -19.77
C LEU A 138 -28.14 -12.91 -19.47
N ALA A 139 -28.39 -14.17 -19.82
CA ALA A 139 -29.67 -14.83 -19.54
C ALA A 139 -29.80 -15.26 -18.07
N GLY A 140 -28.79 -14.94 -17.27
CA GLY A 140 -28.77 -15.30 -15.84
C GLY A 140 -28.49 -16.77 -15.60
N GLY A 141 -27.74 -17.39 -16.51
CA GLY A 141 -27.42 -18.82 -16.44
C GLY A 141 -26.54 -19.23 -15.26
N LEU A 142 -25.66 -18.33 -14.83
CA LEU A 142 -24.74 -18.60 -13.72
C LEU A 142 -25.45 -18.92 -12.42
N GLN A 143 -26.32 -18.00 -11.98
CA GLN A 143 -27.08 -18.13 -10.73
C GLN A 143 -27.85 -19.45 -10.70
N LYS A 144 -28.48 -19.78 -11.83
CA LYS A 144 -29.23 -21.02 -11.97
C LYS A 144 -28.33 -22.25 -11.89
N MET A 145 -27.17 -22.20 -12.52
CA MET A 145 -26.20 -23.30 -12.50
C MET A 145 -25.60 -23.56 -11.13
N VAL A 146 -25.35 -22.48 -10.37
CA VAL A 146 -24.83 -22.60 -9.01
C VAL A 146 -25.88 -23.16 -8.07
N ALA A 147 -27.09 -22.62 -8.13
CA ALA A 147 -28.20 -23.05 -7.28
C ALA A 147 -28.58 -24.51 -7.50
N LEU A 148 -28.23 -25.05 -8.67
CA LEU A 148 -28.50 -26.45 -9.01
C LEU A 148 -27.38 -27.40 -8.55
N LEU A 149 -26.38 -26.86 -7.86
CA LEU A 149 -25.27 -27.68 -7.34
C LEU A 149 -25.65 -28.57 -6.16
N ASN A 150 -26.90 -28.48 -5.70
CA ASN A 150 -27.40 -29.32 -4.61
C ASN A 150 -27.97 -30.67 -5.06
N LYS A 151 -28.07 -30.87 -6.38
CA LYS A 151 -28.48 -32.16 -6.96
C LYS A 151 -27.42 -33.23 -6.74
N THR A 152 -27.81 -34.50 -6.87
CA THR A 152 -26.96 -35.63 -6.46
C THR A 152 -26.58 -36.61 -7.59
N ASN A 153 -27.05 -36.34 -8.81
CA ASN A 153 -26.64 -37.14 -9.96
C ASN A 153 -25.22 -36.73 -10.39
N VAL A 154 -24.31 -37.69 -10.37
CA VAL A 154 -22.88 -37.40 -10.59
C VAL A 154 -22.53 -37.01 -12.03
N LYS A 155 -23.22 -37.60 -12.99
CA LYS A 155 -23.02 -37.26 -14.39
C LYS A 155 -23.56 -35.86 -14.71
N PHE A 156 -24.70 -35.52 -14.11
CA PHE A 156 -25.31 -34.19 -14.20
C PHE A 156 -24.42 -33.11 -13.59
N LEU A 157 -23.94 -33.36 -12.37
CA LEU A 157 -23.05 -32.44 -11.66
C LEU A 157 -21.73 -32.20 -12.38
N ALA A 158 -21.23 -33.24 -13.06
CA ALA A 158 -19.99 -33.16 -13.84
C ALA A 158 -20.08 -32.18 -15.00
N ILE A 159 -21.23 -32.18 -15.68
CA ILE A 159 -21.50 -31.24 -16.77
C ILE A 159 -21.74 -29.83 -16.22
N THR A 160 -22.48 -29.76 -15.11
CA THR A 160 -22.80 -28.47 -14.47
C THR A 160 -21.55 -27.73 -13.99
N THR A 161 -20.63 -28.45 -13.33
CA THR A 161 -19.40 -27.85 -12.84
C THR A 161 -18.49 -27.44 -13.98
N ASP A 162 -18.48 -28.23 -15.05
CA ASP A 162 -17.69 -27.90 -16.23
C ASP A 162 -18.22 -26.64 -16.91
N CYS A 163 -19.54 -26.48 -16.92
CA CYS A 163 -20.18 -25.26 -17.42
C CYS A 163 -19.67 -24.06 -16.63
N LEU A 164 -19.57 -24.22 -15.32
CA LEU A 164 -19.10 -23.16 -14.44
C LEU A 164 -17.63 -22.84 -14.67
N GLN A 165 -16.84 -23.88 -14.97
CA GLN A 165 -15.43 -23.69 -15.27
C GLN A 165 -15.25 -22.91 -16.57
N ILE A 166 -16.03 -23.26 -17.60
CA ILE A 166 -15.97 -22.55 -18.88
C ILE A 166 -16.38 -21.09 -18.71
N LEU A 167 -17.40 -20.85 -17.89
CA LEU A 167 -17.94 -19.51 -17.69
C LEU A 167 -17.09 -18.65 -16.75
N ALA A 168 -16.44 -19.28 -15.78
CA ALA A 168 -15.60 -18.57 -14.83
C ALA A 168 -14.20 -18.28 -15.37
N TYR A 169 -13.70 -19.12 -16.28
CA TYR A 169 -12.33 -18.98 -16.78
C TYR A 169 -12.08 -17.66 -17.50
N GLY A 170 -11.07 -16.93 -17.01
CA GLY A 170 -10.69 -15.63 -17.56
C GLY A 170 -11.81 -14.62 -17.60
N ASN A 171 -12.65 -14.62 -16.56
CA ASN A 171 -13.78 -13.70 -16.45
C ASN A 171 -14.07 -13.36 -14.99
N GLN A 172 -13.48 -12.25 -14.54
CA GLN A 172 -13.54 -11.85 -13.13
C GLN A 172 -14.97 -11.57 -12.64
N GLU A 173 -15.80 -11.02 -13.53
CA GLU A 173 -17.19 -10.70 -13.17
C GLU A 173 -17.98 -11.98 -12.82
N SER A 174 -17.78 -13.04 -13.61
CA SER A 174 -18.43 -14.33 -13.37
C SER A 174 -18.02 -14.97 -12.05
N LYS A 175 -16.74 -14.88 -11.72
CA LYS A 175 -16.21 -15.44 -10.47
C LYS A 175 -16.87 -14.80 -9.25
N LEU A 176 -17.13 -13.50 -9.33
CA LEU A 176 -17.78 -12.75 -8.25
C LEU A 176 -19.24 -13.14 -8.08
N ILE A 177 -19.92 -13.41 -9.20
CA ILE A 177 -21.31 -13.83 -9.17
C ILE A 177 -21.43 -15.23 -8.57
N ILE A 178 -20.55 -16.12 -8.98
CA ILE A 178 -20.44 -17.47 -8.40
C ILE A 178 -20.20 -17.39 -6.89
N LEU A 179 -19.35 -16.45 -6.49
CA LEU A 179 -19.10 -16.18 -5.07
C LEU A 179 -20.37 -15.72 -4.35
N ALA A 180 -21.03 -14.71 -4.91
CA ALA A 180 -22.27 -14.13 -4.33
C ALA A 180 -23.40 -15.14 -4.19
N SER A 181 -23.40 -16.16 -5.05
CA SER A 181 -24.46 -17.17 -5.05
C SER A 181 -24.09 -18.40 -4.19
N GLY A 182 -23.05 -18.26 -3.36
CA GLY A 182 -22.60 -19.34 -2.48
C GLY A 182 -21.90 -20.49 -3.18
N GLY A 183 -21.27 -20.20 -4.31
CA GLY A 183 -20.55 -21.20 -5.09
C GLY A 183 -19.42 -21.90 -4.37
N PRO A 184 -18.50 -21.14 -3.72
CA PRO A 184 -17.35 -21.74 -3.05
C PRO A 184 -17.71 -22.90 -2.12
N GLN A 185 -18.67 -22.66 -1.22
CA GLN A 185 -19.11 -23.66 -0.24
C GLN A 185 -19.66 -24.92 -0.90
N ALA A 186 -20.44 -24.74 -1.96
CA ALA A 186 -21.05 -25.87 -2.68
C ALA A 186 -19.99 -26.73 -3.38
N LEU A 187 -19.01 -26.09 -4.00
CA LEU A 187 -17.93 -26.81 -4.68
C LEU A 187 -17.01 -27.58 -3.74
N VAL A 188 -16.75 -27.00 -2.56
CA VAL A 188 -15.98 -27.67 -1.51
C VAL A 188 -16.74 -28.91 -1.02
N ASN A 189 -18.05 -28.77 -0.81
CA ASN A 189 -18.91 -29.88 -0.38
C ASN A 189 -18.83 -31.08 -1.32
N ILE A 190 -18.80 -30.83 -2.62
CA ILE A 190 -18.63 -31.88 -3.62
C ILE A 190 -17.31 -32.63 -3.40
N MET A 191 -16.25 -31.87 -3.09
CA MET A 191 -14.91 -32.44 -2.93
C MET A 191 -14.77 -33.40 -1.75
N ARG A 192 -15.53 -33.16 -0.68
CA ARG A 192 -15.43 -34.03 0.50
C ARG A 192 -16.51 -35.11 0.59
N THR A 193 -17.43 -35.14 -0.39
CA THR A 193 -18.52 -36.11 -0.41
C THR A 193 -18.34 -37.14 -1.54
N TYR A 194 -18.52 -36.68 -2.77
CA TYR A 194 -18.49 -37.53 -3.96
C TYR A 194 -17.09 -38.08 -4.24
N THR A 195 -17.02 -39.22 -4.93
CA THR A 195 -15.74 -39.85 -5.27
C THR A 195 -15.65 -40.23 -6.75
N TYR A 196 -16.68 -39.85 -7.51
CA TYR A 196 -16.70 -40.04 -8.95
C TYR A 196 -15.63 -39.15 -9.57
N GLU A 197 -14.62 -39.78 -10.18
CA GLU A 197 -13.41 -39.09 -10.66
C GLU A 197 -13.72 -37.87 -11.54
N LYS A 198 -14.54 -38.06 -12.56
CA LYS A 198 -14.84 -37.01 -13.54
C LYS A 198 -15.46 -35.76 -12.91
N LEU A 199 -16.36 -35.97 -11.93
CA LEU A 199 -16.96 -34.87 -11.19
C LEU A 199 -15.90 -34.11 -10.39
N LEU A 200 -15.08 -34.85 -9.63
CA LEU A 200 -14.04 -34.25 -8.81
C LEU A 200 -13.03 -33.43 -9.61
N TRP A 201 -12.67 -33.95 -10.79
CA TRP A 201 -11.79 -33.27 -11.72
C TRP A 201 -12.35 -31.94 -12.18
N THR A 202 -13.56 -31.96 -12.74
CA THR A 202 -14.20 -30.72 -13.20
C THR A 202 -14.45 -29.75 -12.05
N THR A 203 -14.79 -30.29 -10.87
CA THR A 203 -15.00 -29.48 -9.68
C THR A 203 -13.69 -28.84 -9.19
N SER A 204 -12.58 -29.57 -9.28
CA SER A 204 -11.28 -29.02 -8.90
C SER A 204 -10.80 -27.99 -9.93
N ARG A 205 -11.24 -28.15 -11.18
CA ARG A 205 -10.95 -27.17 -12.23
C ARG A 205 -11.69 -25.86 -12.01
N VAL A 206 -12.92 -25.94 -11.49
CA VAL A 206 -13.68 -24.73 -11.13
C VAL A 206 -12.98 -23.99 -9.98
N LEU A 207 -12.67 -24.72 -8.91
CA LEU A 207 -11.96 -24.16 -7.76
C LEU A 207 -10.61 -23.56 -8.12
N LYS A 208 -9.91 -24.18 -9.05
CA LYS A 208 -8.63 -23.66 -9.55
C LYS A 208 -8.80 -22.29 -10.17
N VAL A 209 -9.81 -22.15 -11.02
CA VAL A 209 -10.14 -20.88 -11.66
C VAL A 209 -10.52 -19.84 -10.61
N LEU A 210 -11.32 -20.25 -9.63
CA LEU A 210 -11.77 -19.36 -8.55
C LEU A 210 -10.68 -18.96 -7.57
N SER A 211 -9.67 -19.81 -7.42
CA SER A 211 -8.63 -19.60 -6.41
C SER A 211 -7.68 -18.42 -6.67
N VAL A 212 -7.61 -17.96 -7.91
CA VAL A 212 -6.81 -16.75 -8.24
C VAL A 212 -7.60 -15.44 -8.05
N CYS A 213 -8.86 -15.55 -7.66
CA CYS A 213 -9.67 -14.38 -7.32
C CYS A 213 -9.51 -14.05 -5.83
N SER A 214 -9.15 -12.80 -5.54
CA SER A 214 -8.79 -12.39 -4.19
C SER A 214 -9.95 -12.39 -3.20
N SER A 215 -11.17 -12.39 -3.72
CA SER A 215 -12.36 -12.48 -2.87
C SER A 215 -12.87 -13.92 -2.71
N ASN A 216 -12.77 -14.71 -3.79
CA ASN A 216 -13.11 -16.14 -3.79
C ASN A 216 -12.15 -17.01 -2.99
N LYS A 217 -10.87 -16.63 -3.02
CA LYS A 217 -9.80 -17.39 -2.37
C LYS A 217 -10.04 -17.57 -0.87
N PRO A 218 -10.21 -16.47 -0.10
CA PRO A 218 -10.50 -16.61 1.33
C PRO A 218 -11.77 -17.41 1.61
N ALA A 219 -12.77 -17.27 0.74
CA ALA A 219 -14.04 -18.01 0.83
C ALA A 219 -13.84 -19.51 0.71
N ILE A 220 -13.00 -19.93 -0.23
CA ILE A 220 -12.66 -21.35 -0.43
C ILE A 220 -11.89 -21.88 0.77
N VAL A 221 -10.99 -21.06 1.30
CA VAL A 221 -10.20 -21.42 2.49
C VAL A 221 -11.09 -21.58 3.71
N GLU A 222 -12.01 -20.62 3.89
CA GLU A 222 -12.93 -20.58 5.04
C GLU A 222 -14.00 -21.67 4.99
N ALA A 223 -14.25 -22.20 3.79
CA ALA A 223 -15.23 -23.26 3.59
C ALA A 223 -14.65 -24.63 3.88
N GLY A 224 -13.32 -24.70 3.99
CA GLY A 224 -12.60 -25.95 4.24
C GLY A 224 -11.95 -26.51 2.99
N GLY A 225 -11.64 -25.64 2.04
CA GLY A 225 -11.09 -26.05 0.74
C GLY A 225 -9.76 -26.77 0.78
N MET A 226 -8.83 -26.28 1.61
CA MET A 226 -7.49 -26.84 1.70
C MET A 226 -7.51 -28.33 2.03
N GLN A 227 -8.28 -28.68 3.06
CA GLN A 227 -8.42 -30.07 3.53
C GLN A 227 -9.19 -30.94 2.53
N ALA A 228 -10.33 -30.41 2.05
CA ALA A 228 -11.15 -31.08 1.04
C ALA A 228 -10.35 -31.42 -0.22
N LEU A 229 -9.39 -30.57 -0.56
CA LEU A 229 -8.51 -30.82 -1.70
C LEU A 229 -7.39 -31.79 -1.33
N GLY A 230 -6.97 -31.76 -0.07
CA GLY A 230 -5.94 -32.67 0.45
C GLY A 230 -6.36 -34.13 0.43
N LEU A 231 -7.66 -34.38 0.54
CA LEU A 231 -8.24 -35.73 0.52
C LEU A 231 -7.89 -36.55 -0.73
N HIS A 232 -7.69 -35.86 -1.85
CA HIS A 232 -7.51 -36.54 -3.14
C HIS A 232 -6.11 -36.53 -3.71
N LEU A 233 -5.10 -36.32 -2.86
CA LEU A 233 -3.73 -36.23 -3.35
C LEU A 233 -3.05 -37.58 -3.58
N THR A 234 -3.51 -38.61 -2.86
CA THR A 234 -2.99 -39.98 -3.03
C THR A 234 -3.80 -40.77 -4.06
N ASP A 235 -4.88 -40.15 -4.54
CA ASP A 235 -5.79 -40.71 -5.54
C ASP A 235 -5.05 -41.07 -6.83
N PRO A 236 -5.34 -42.26 -7.41
CA PRO A 236 -4.65 -42.74 -8.61
C PRO A 236 -4.74 -41.80 -9.81
N SER A 237 -5.84 -41.05 -9.90
CA SER A 237 -6.06 -40.12 -11.02
C SER A 237 -5.09 -38.96 -11.02
N GLN A 238 -4.27 -38.88 -12.07
CA GLN A 238 -3.19 -37.90 -12.12
C GLN A 238 -3.66 -36.47 -12.43
N ARG A 239 -4.63 -36.35 -13.34
CA ARG A 239 -5.20 -35.04 -13.69
C ARG A 239 -5.98 -34.41 -12.53
N LEU A 240 -6.56 -35.24 -11.67
CA LEU A 240 -7.25 -34.74 -10.47
C LEU A 240 -6.25 -34.27 -9.44
N VAL A 241 -5.17 -35.03 -9.25
CA VAL A 241 -4.13 -34.69 -8.26
C VAL A 241 -3.45 -33.36 -8.62
N GLN A 242 -3.11 -33.21 -9.90
CA GLN A 242 -2.42 -32.03 -10.41
C GLN A 242 -3.25 -30.77 -10.22
N ASN A 243 -4.54 -30.86 -10.56
CA ASN A 243 -5.44 -29.72 -10.44
C ASN A 243 -5.66 -29.32 -8.98
N CYS A 244 -5.72 -30.32 -8.10
CA CYS A 244 -5.80 -30.07 -6.67
C CYS A 244 -4.57 -29.33 -6.19
N LEU A 245 -3.39 -29.81 -6.60
CA LEU A 245 -2.12 -29.19 -6.24
C LEU A 245 -2.05 -27.72 -6.68
N TRP A 246 -2.32 -27.48 -7.96
CA TRP A 246 -2.38 -26.13 -8.52
C TRP A 246 -3.27 -25.20 -7.73
N THR A 247 -4.46 -25.70 -7.36
CA THR A 247 -5.45 -24.92 -6.61
C THR A 247 -4.92 -24.65 -5.20
N LEU A 248 -4.42 -25.69 -4.55
CA LEU A 248 -3.84 -25.61 -3.21
C LEU A 248 -2.69 -24.60 -3.16
N ARG A 249 -1.91 -24.53 -4.23
CA ARG A 249 -0.81 -23.57 -4.31
C ARG A 249 -1.34 -22.13 -4.32
N ASN A 250 -2.33 -21.86 -5.17
CA ASN A 250 -2.98 -20.55 -5.23
C ASN A 250 -3.59 -20.14 -3.89
N LEU A 251 -4.08 -21.13 -3.14
CA LEU A 251 -4.80 -20.89 -1.89
C LEU A 251 -3.90 -20.79 -0.67
N SER A 252 -2.72 -21.43 -0.74
CA SER A 252 -1.87 -21.63 0.45
C SER A 252 -1.37 -20.34 1.10
N ASP A 253 -1.31 -19.24 0.34
CA ASP A 253 -0.86 -17.95 0.89
C ASP A 253 -1.90 -17.31 1.81
N ALA A 254 -3.14 -17.75 1.70
CA ALA A 254 -4.22 -17.29 2.57
C ALA A 254 -4.68 -18.40 3.53
N ALA A 255 -3.76 -19.31 3.87
CA ALA A 255 -4.09 -20.48 4.67
C ALA A 255 -3.25 -20.65 5.93
N THR A 256 -2.39 -19.66 6.22
CA THR A 256 -1.50 -19.74 7.37
C THR A 256 -2.21 -19.89 8.73
N LYS A 257 -3.54 -19.76 8.74
CA LYS A 257 -4.31 -19.87 9.97
C LYS A 257 -5.03 -21.23 10.14
N GLN A 258 -5.32 -21.89 9.02
CA GLN A 258 -6.07 -23.16 9.01
C GLN A 258 -5.39 -24.25 9.84
N GLU A 259 -6.22 -25.08 10.49
CA GLU A 259 -5.75 -26.17 11.33
C GLU A 259 -6.19 -27.54 10.78
N GLY A 260 -5.79 -28.61 11.46
CA GLY A 260 -6.03 -29.97 10.96
C GLY A 260 -5.28 -30.24 9.67
N MET A 261 -4.02 -29.80 9.63
CA MET A 261 -3.23 -29.84 8.41
C MET A 261 -2.26 -31.02 8.35
N GLU A 262 -2.11 -31.74 9.46
CA GLU A 262 -1.12 -32.83 9.57
C GLU A 262 -1.11 -33.78 8.36
N GLY A 263 -2.27 -34.30 8.00
CA GLY A 263 -2.41 -35.22 6.88
C GLY A 263 -1.92 -34.64 5.57
N LEU A 264 -2.32 -33.41 5.30
CA LEU A 264 -1.93 -32.70 4.07
C LEU A 264 -0.42 -32.44 4.03
N LEU A 265 0.14 -32.03 5.16
CA LEU A 265 1.57 -31.73 5.24
C LEU A 265 2.40 -32.99 4.99
N GLY A 266 1.98 -34.12 5.57
CA GLY A 266 2.63 -35.41 5.37
C GLY A 266 2.60 -35.87 3.93
N THR A 267 1.46 -35.71 3.28
CA THR A 267 1.27 -36.10 1.88
C THR A 267 2.13 -35.24 0.95
N LEU A 268 2.28 -33.96 1.28
CA LEU A 268 3.09 -33.04 0.47
C LEU A 268 4.58 -33.38 0.51
N VAL A 269 5.08 -33.72 1.71
CA VAL A 269 6.47 -34.15 1.89
C VAL A 269 6.75 -35.39 1.04
N GLN A 270 5.78 -36.31 1.01
CA GLN A 270 5.87 -37.50 0.18
C GLN A 270 5.84 -37.18 -1.30
N LEU A 271 4.96 -36.25 -1.70
CA LEU A 271 4.82 -35.84 -3.10
C LEU A 271 6.08 -35.16 -3.65
N LEU A 272 6.98 -34.78 -2.74
CA LEU A 272 8.27 -34.21 -3.11
C LEU A 272 9.16 -35.22 -3.82
N GLY A 273 8.97 -36.50 -3.49
CA GLY A 273 9.76 -37.59 -4.09
C GLY A 273 9.26 -38.07 -5.45
N SER A 274 8.25 -37.39 -5.98
CA SER A 274 7.64 -37.75 -7.26
C SER A 274 8.56 -37.51 -8.45
N ASP A 275 8.32 -38.26 -9.53
CA ASP A 275 9.09 -38.13 -10.77
C ASP A 275 8.59 -36.97 -11.63
N ASP A 276 7.37 -36.51 -11.37
CA ASP A 276 6.74 -35.45 -12.13
C ASP A 276 7.10 -34.06 -11.59
N ILE A 277 7.62 -33.21 -12.48
CA ILE A 277 8.06 -31.86 -12.12
C ILE A 277 6.92 -30.99 -11.59
N ASN A 278 5.80 -30.98 -12.31
CA ASN A 278 4.62 -30.22 -11.89
C ASN A 278 4.14 -30.57 -10.48
N VAL A 279 4.14 -31.86 -10.15
CA VAL A 279 3.80 -32.33 -8.81
C VAL A 279 4.77 -31.77 -7.77
N VAL A 280 6.07 -31.90 -8.03
CA VAL A 280 7.12 -31.46 -7.11
C VAL A 280 7.10 -29.95 -6.91
N THR A 281 7.10 -29.22 -8.03
CA THR A 281 7.01 -27.75 -8.03
C THR A 281 5.87 -27.26 -7.13
N CYS A 282 4.68 -27.82 -7.30
CA CYS A 282 3.54 -27.45 -6.49
C CYS A 282 3.72 -27.83 -5.02
N ALA A 283 4.15 -29.06 -4.77
CA ALA A 283 4.40 -29.52 -3.40
C ALA A 283 5.33 -28.58 -2.65
N ALA A 284 6.43 -28.21 -3.29
CA ALA A 284 7.39 -27.27 -2.70
C ALA A 284 6.73 -25.90 -2.43
N GLY A 285 5.97 -25.40 -3.40
CA GLY A 285 5.28 -24.11 -3.29
C GLY A 285 4.28 -24.05 -2.16
N ILE A 286 3.42 -25.06 -2.06
CA ILE A 286 2.41 -25.15 -1.01
C ILE A 286 3.09 -25.21 0.37
N LEU A 287 4.13 -26.03 0.49
CA LEU A 287 4.90 -26.15 1.74
C LEU A 287 5.53 -24.83 2.15
N SER A 288 6.17 -24.15 1.20
CA SER A 288 6.75 -22.83 1.45
C SER A 288 5.73 -21.89 2.07
N ASN A 289 4.55 -21.80 1.46
CA ASN A 289 3.48 -20.93 1.95
C ASN A 289 2.92 -21.31 3.32
N LEU A 290 2.75 -22.61 3.54
CA LEU A 290 2.18 -23.11 4.80
C LEU A 290 3.16 -23.09 5.97
N THR A 291 4.45 -23.09 5.67
CA THR A 291 5.49 -23.06 6.70
C THR A 291 5.89 -21.63 7.06
N CYS A 292 5.49 -20.69 6.20
CA CYS A 292 5.77 -19.27 6.42
C CYS A 292 5.04 -18.72 7.65
N ASN A 293 5.80 -18.35 8.67
CA ASN A 293 5.30 -17.75 9.91
C ASN A 293 4.30 -18.58 10.74
N ASN A 294 4.01 -19.80 10.30
CA ASN A 294 3.19 -20.73 11.08
C ASN A 294 4.02 -21.71 11.90
N TYR A 295 4.10 -21.44 13.20
CA TYR A 295 4.88 -22.21 14.17
C TYR A 295 4.60 -23.72 14.15
N LYS A 296 3.32 -24.08 14.05
CA LYS A 296 2.88 -25.47 14.12
C LYS A 296 3.32 -26.28 12.90
N ASN A 297 3.07 -25.75 11.71
CA ASN A 297 3.42 -26.43 10.46
C ASN A 297 4.92 -26.67 10.31
N LYS A 298 5.73 -25.75 10.83
CA LYS A 298 7.19 -25.90 10.86
C LYS A 298 7.60 -27.17 11.61
N MET A 299 6.99 -27.37 12.77
CA MET A 299 7.24 -28.54 13.63
C MET A 299 6.88 -29.82 12.90
N MET A 300 5.69 -29.85 12.31
CA MET A 300 5.13 -31.04 11.67
C MET A 300 5.92 -31.49 10.45
N VAL A 301 6.27 -30.53 9.59
CA VAL A 301 6.99 -30.82 8.35
C VAL A 301 8.39 -31.39 8.64
N CYS A 302 9.04 -30.89 9.69
CA CYS A 302 10.32 -31.44 10.14
C CYS A 302 10.19 -32.86 10.69
N GLN A 303 9.10 -33.13 11.40
CA GLN A 303 8.85 -34.44 12.03
C GLN A 303 8.70 -35.60 11.05
N VAL A 304 8.16 -35.32 9.86
CA VAL A 304 7.96 -36.32 8.82
C VAL A 304 9.08 -36.35 7.77
N GLY A 305 10.23 -35.77 8.13
CA GLY A 305 11.41 -35.78 7.25
C GLY A 305 11.36 -34.78 6.11
N GLY A 306 10.85 -33.58 6.40
CA GLY A 306 10.71 -32.52 5.39
C GLY A 306 12.04 -32.01 4.88
N ILE A 307 12.99 -31.81 5.80
CA ILE A 307 14.34 -31.35 5.46
C ILE A 307 14.99 -32.32 4.47
N GLU A 308 15.04 -33.60 4.83
CA GLU A 308 15.65 -34.65 4.01
C GLU A 308 15.06 -34.68 2.59
N ALA A 309 13.73 -34.65 2.50
CA ALA A 309 13.04 -34.63 1.21
C ALA A 309 13.32 -33.35 0.41
N LEU A 310 13.36 -32.20 1.09
CA LEU A 310 13.61 -30.92 0.43
C LEU A 310 15.04 -30.77 -0.11
N VAL A 311 16.02 -31.27 0.65
CA VAL A 311 17.41 -31.26 0.21
C VAL A 311 17.54 -32.14 -1.04
N ARG A 312 17.00 -33.34 -0.94
CA ARG A 312 16.84 -34.24 -2.09
C ARG A 312 16.24 -33.52 -3.30
N THR A 313 15.13 -32.83 -3.08
CA THR A 313 14.44 -32.07 -4.12
C THR A 313 15.37 -31.07 -4.80
N VAL A 314 16.04 -30.22 -4.01
CA VAL A 314 16.97 -29.22 -4.52
C VAL A 314 18.15 -29.87 -5.28
N LEU A 315 18.71 -30.93 -4.71
CA LEU A 315 19.77 -31.68 -5.36
C LEU A 315 19.32 -32.24 -6.71
N ARG A 316 18.13 -32.81 -6.73
CA ARG A 316 17.55 -33.36 -7.97
C ARG A 316 17.19 -32.29 -9.00
N ALA A 317 16.80 -31.12 -8.53
CA ALA A 317 16.24 -30.08 -9.40
C ALA A 317 17.27 -29.38 -10.28
N GLY A 318 18.52 -29.33 -9.82
CA GLY A 318 19.60 -28.69 -10.56
C GLY A 318 19.41 -27.20 -10.68
N ASP A 319 19.22 -26.71 -11.92
CA ASP A 319 19.05 -25.29 -12.16
C ASP A 319 17.62 -24.91 -12.60
N ARG A 320 16.69 -25.84 -12.44
CA ARG A 320 15.27 -25.52 -12.60
C ARG A 320 14.84 -24.67 -11.42
N GLU A 321 14.77 -23.36 -11.66
CA GLU A 321 14.51 -22.39 -10.60
C GLU A 321 13.07 -22.45 -10.09
N ASP A 322 12.19 -23.03 -10.90
CA ASP A 322 10.78 -23.22 -10.54
C ASP A 322 10.63 -24.17 -9.35
N ILE A 323 11.62 -25.04 -9.17
CA ILE A 323 11.61 -26.02 -8.10
C ILE A 323 12.43 -25.56 -6.90
N THR A 324 13.62 -25.04 -7.15
CA THR A 324 14.54 -24.67 -6.09
C THR A 324 14.07 -23.47 -5.26
N GLU A 325 13.58 -22.44 -5.94
CA GLU A 325 13.11 -21.21 -5.29
C GLU A 325 12.07 -21.47 -4.19
N PRO A 326 10.98 -22.21 -4.49
CA PRO A 326 10.05 -22.54 -3.40
C PRO A 326 10.62 -23.53 -2.39
N ALA A 327 11.49 -24.42 -2.84
CA ALA A 327 12.08 -25.44 -1.96
C ALA A 327 13.08 -24.81 -0.99
N ILE A 328 13.85 -23.84 -1.47
CA ILE A 328 14.77 -23.07 -0.63
C ILE A 328 14.01 -22.22 0.37
N CYS A 329 12.93 -21.57 -0.09
CA CYS A 329 12.05 -20.80 0.79
C CYS A 329 11.50 -21.65 1.94
N ALA A 330 11.04 -22.85 1.62
CA ALA A 330 10.54 -23.79 2.63
C ALA A 330 11.64 -24.14 3.62
N LEU A 331 12.84 -24.39 3.11
CA LEU A 331 14.01 -24.66 3.94
C LEU A 331 14.35 -23.50 4.86
N ARG A 332 14.24 -22.28 4.33
CA ARG A 332 14.46 -21.07 5.10
C ARG A 332 13.47 -20.99 6.26
N HIS A 333 12.21 -21.28 5.97
CA HIS A 333 11.15 -21.30 6.97
C HIS A 333 11.37 -22.32 8.05
N LEU A 334 11.91 -23.49 7.67
CA LEU A 334 12.08 -24.60 8.59
C LEU A 334 13.36 -24.51 9.43
N THR A 335 14.28 -23.64 9.05
CA THR A 335 15.56 -23.51 9.75
C THR A 335 15.64 -22.32 10.74
N SER A 336 14.47 -21.74 11.05
CA SER A 336 14.40 -20.72 12.11
C SER A 336 13.08 -20.78 12.88
N ARG A 337 13.15 -20.36 14.14
CA ARG A 337 11.98 -20.03 14.96
C ARG A 337 10.95 -21.14 15.14
N HIS A 338 11.43 -22.29 15.63
CA HIS A 338 10.59 -23.36 16.19
C HIS A 338 11.43 -24.33 16.98
N GLN A 339 10.78 -25.11 17.85
CA GLN A 339 11.47 -25.99 18.81
C GLN A 339 12.59 -26.83 18.20
N GLU A 340 12.44 -27.22 16.94
CA GLU A 340 13.39 -28.10 16.27
C GLU A 340 14.15 -27.41 15.13
N ALA A 341 14.33 -26.10 15.24
CA ALA A 341 15.04 -25.32 14.22
C ALA A 341 16.52 -25.68 14.16
N GLU A 342 17.14 -25.87 15.32
CA GLU A 342 18.54 -26.29 15.40
C GLU A 342 18.76 -27.64 14.73
N MET A 343 17.83 -28.57 14.97
CA MET A 343 17.84 -29.90 14.38
C MET A 343 17.83 -29.81 12.86
N ALA A 344 16.97 -28.94 12.34
CA ALA A 344 16.81 -28.74 10.90
C ALA A 344 18.08 -28.15 10.27
N GLN A 345 18.70 -27.20 10.97
CA GLN A 345 19.96 -26.59 10.53
C GLN A 345 21.07 -27.63 10.40
N ASN A 346 21.16 -28.53 11.38
CA ASN A 346 22.10 -29.66 11.33
C ASN A 346 21.77 -30.65 10.22
N ALA A 347 20.48 -30.91 10.06
CA ALA A 347 19.98 -31.88 9.08
C ALA A 347 20.34 -31.51 7.64
N VAL A 348 20.29 -30.22 7.32
CA VAL A 348 20.68 -29.72 5.99
C VAL A 348 22.12 -30.12 5.67
N ARG A 349 23.02 -29.92 6.63
CA ARG A 349 24.42 -30.32 6.51
C ARG A 349 24.55 -31.84 6.35
N LEU A 350 23.90 -32.59 7.25
CA LEU A 350 24.04 -34.04 7.29
C LEU A 350 23.46 -34.76 6.07
N HIS A 351 22.63 -34.08 5.29
CA HIS A 351 22.12 -34.65 4.04
C HIS A 351 22.75 -34.02 2.83
N TYR A 352 24.00 -33.58 2.97
CA TYR A 352 24.87 -33.10 1.87
C TYR A 352 24.29 -31.88 1.14
N GLY A 353 23.62 -31.01 1.89
CA GLY A 353 22.93 -29.86 1.32
C GLY A 353 23.73 -28.58 1.23
N LEU A 354 24.76 -28.44 2.06
CA LEU A 354 25.50 -27.17 2.14
C LEU A 354 26.17 -26.73 0.84
N PRO A 355 26.86 -27.66 0.12
CA PRO A 355 27.46 -27.26 -1.15
C PRO A 355 26.45 -26.78 -2.20
N VAL A 356 25.35 -27.49 -2.36
CA VAL A 356 24.35 -27.13 -3.38
C VAL A 356 23.66 -25.80 -3.05
N VAL A 357 23.44 -25.56 -1.75
CA VAL A 357 22.89 -24.30 -1.28
C VAL A 357 23.79 -23.13 -1.70
N VAL A 358 25.09 -23.22 -1.43
CA VAL A 358 26.05 -22.17 -1.79
C VAL A 358 26.15 -21.97 -3.31
N LYS A 359 26.13 -23.09 -4.05
CA LYS A 359 26.12 -23.09 -5.52
C LYS A 359 25.02 -22.20 -6.10
N LEU A 360 23.86 -22.18 -5.44
CA LEU A 360 22.69 -21.45 -5.92
C LEU A 360 22.82 -19.92 -5.80
N LEU A 361 23.90 -19.45 -5.17
CA LEU A 361 24.22 -18.02 -5.12
C LEU A 361 24.89 -17.54 -6.41
N HIS A 362 25.34 -18.49 -7.23
CA HIS A 362 26.06 -18.18 -8.46
C HIS A 362 25.18 -18.25 -9.68
N PRO A 363 25.55 -17.52 -10.75
CA PRO A 363 24.81 -17.58 -12.02
C PRO A 363 24.66 -19.01 -12.54
N PRO A 364 23.60 -19.27 -13.34
CA PRO A 364 22.66 -18.31 -13.87
C PRO A 364 21.42 -18.04 -13.01
N SER A 365 21.55 -18.27 -11.70
CA SER A 365 20.48 -17.96 -10.74
C SER A 365 19.95 -16.54 -10.89
N HIS A 366 18.62 -16.41 -10.82
CA HIS A 366 17.97 -15.10 -10.86
C HIS A 366 17.72 -14.60 -9.46
N TRP A 367 17.31 -13.33 -9.36
CA TRP A 367 17.14 -12.66 -8.07
C TRP A 367 16.19 -13.30 -7.07
N PRO A 368 15.04 -13.85 -7.52
CA PRO A 368 14.17 -14.45 -6.50
C PRO A 368 14.83 -15.60 -5.74
N LEU A 369 15.53 -16.46 -6.46
CA LEU A 369 16.23 -17.61 -5.86
C LEU A 369 17.38 -17.18 -4.95
N ILE A 370 18.13 -16.16 -5.40
CA ILE A 370 19.27 -15.65 -4.65
C ILE A 370 18.84 -15.06 -3.30
N LYS A 371 17.79 -14.24 -3.33
CA LYS A 371 17.16 -13.71 -2.12
C LYS A 371 16.78 -14.84 -1.15
N ALA A 372 16.11 -15.86 -1.68
CA ALA A 372 15.71 -17.02 -0.88
C ALA A 372 16.91 -17.79 -0.31
N THR A 373 17.94 -17.98 -1.15
CA THR A 373 19.14 -18.74 -0.78
C THR A 373 19.93 -18.04 0.31
N VAL A 374 20.08 -16.73 0.18
CA VAL A 374 20.77 -15.91 1.17
C VAL A 374 20.12 -16.06 2.55
N GLY A 375 18.81 -15.88 2.60
CA GLY A 375 18.03 -15.99 3.84
C GLY A 375 18.18 -17.36 4.50
N LEU A 376 18.33 -18.40 3.69
CA LEU A 376 18.56 -19.75 4.18
C LEU A 376 19.94 -19.88 4.83
N ILE A 377 20.97 -19.36 4.15
CA ILE A 377 22.35 -19.41 4.66
C ILE A 377 22.44 -18.67 5.99
N ARG A 378 21.76 -17.53 6.07
CA ARG A 378 21.63 -16.78 7.32
C ARG A 378 21.13 -17.69 8.44
N ASN A 379 20.07 -18.46 8.17
CA ASN A 379 19.53 -19.42 9.12
C ASN A 379 20.49 -20.57 9.44
N LEU A 380 21.16 -21.09 8.42
CA LEU A 380 22.07 -22.22 8.59
C LEU A 380 23.26 -21.87 9.47
N ALA A 381 23.75 -20.64 9.30
CA ALA A 381 24.90 -20.13 10.05
C ALA A 381 24.64 -19.95 11.54
N LEU A 382 23.38 -20.09 11.97
CA LEU A 382 23.04 -20.03 13.39
C LEU A 382 23.60 -21.23 14.16
N CYS A 383 23.81 -22.33 13.44
CA CYS A 383 24.37 -23.55 14.00
C CYS A 383 25.90 -23.54 13.85
N PRO A 384 26.63 -23.54 14.98
CA PRO A 384 28.10 -23.47 15.00
C PRO A 384 28.80 -24.50 14.10
N ALA A 385 28.19 -25.67 13.95
CA ALA A 385 28.74 -26.73 13.11
C ALA A 385 28.60 -26.44 11.61
N ASN A 386 27.89 -25.37 11.27
CA ASN A 386 27.78 -24.91 9.87
C ASN A 386 28.79 -23.80 9.53
N HIS A 387 29.40 -23.20 10.54
CA HIS A 387 30.37 -22.11 10.33
C HIS A 387 31.49 -22.48 9.39
N ALA A 388 32.17 -23.60 9.66
CA ALA A 388 33.30 -24.02 8.82
C ALA A 388 32.90 -24.48 7.41
N PRO A 389 31.91 -25.41 7.27
CA PRO A 389 31.58 -25.88 5.93
C PRO A 389 31.09 -24.78 4.99
N LEU A 390 30.27 -23.86 5.50
CA LEU A 390 29.82 -22.73 4.70
C LEU A 390 30.98 -21.84 4.25
N ARG A 391 32.02 -21.76 5.09
CA ARG A 391 33.24 -21.03 4.74
C ARG A 391 33.97 -21.74 3.60
N GLU A 392 34.09 -23.06 3.73
CA GLU A 392 34.86 -23.89 2.80
C GLU A 392 34.23 -24.00 1.41
N GLN A 393 32.91 -23.81 1.35
CA GLN A 393 32.18 -23.83 0.09
C GLN A 393 32.19 -22.46 -0.62
N GLY A 394 32.69 -21.43 0.09
CA GLY A 394 32.91 -20.11 -0.47
C GLY A 394 31.73 -19.15 -0.37
N ALA A 395 30.90 -19.33 0.66
CA ALA A 395 29.73 -18.48 0.88
C ALA A 395 30.09 -17.02 1.14
N ILE A 396 31.11 -16.79 1.97
CA ILE A 396 31.51 -15.43 2.36
C ILE A 396 31.87 -14.52 1.17
N PRO A 397 32.90 -14.89 0.35
CA PRO A 397 33.26 -14.03 -0.79
C PRO A 397 32.13 -13.77 -1.79
N ARG A 398 31.27 -14.77 -2.02
CA ARG A 398 30.11 -14.57 -2.90
C ARG A 398 29.06 -13.64 -2.28
N LEU A 399 28.73 -13.86 -1.00
CA LEU A 399 27.81 -12.96 -0.28
C LEU A 399 28.29 -11.52 -0.34
N VAL A 400 29.60 -11.33 -0.14
CA VAL A 400 30.21 -10.01 -0.19
C VAL A 400 30.07 -9.38 -1.57
N GLN A 401 30.20 -10.18 -2.62
CA GLN A 401 30.06 -9.68 -3.99
C GLN A 401 28.64 -9.24 -4.31
N LEU A 402 27.66 -10.02 -3.84
CA LEU A 402 26.26 -9.64 -3.95
C LEU A 402 26.00 -8.35 -3.18
N LEU A 403 26.61 -8.24 -2.00
CA LEU A 403 26.48 -7.05 -1.17
C LEU A 403 27.07 -5.82 -1.86
N VAL A 404 28.29 -5.94 -2.36
CA VAL A 404 29.01 -4.84 -3.03
C VAL A 404 28.21 -4.34 -4.23
N ARG A 405 27.71 -5.27 -5.05
CA ARG A 405 26.99 -4.91 -6.27
C ARG A 405 25.61 -4.33 -6.02
N ALA A 406 24.86 -4.92 -5.08
CA ALA A 406 23.53 -4.41 -4.72
C ALA A 406 23.59 -3.02 -4.12
N HIS A 407 24.61 -2.76 -3.31
CA HIS A 407 24.83 -1.44 -2.73
C HIS A 407 25.13 -0.41 -3.78
N GLN A 408 25.96 -0.77 -4.76
CA GLN A 408 26.32 0.13 -5.86
C GLN A 408 25.17 0.38 -6.83
N ASP A 409 24.14 -0.46 -6.76
CA ASP A 409 22.92 -0.26 -7.55
C ASP A 409 21.97 0.71 -6.87
N THR A 410 22.03 0.76 -5.54
CA THR A 410 21.23 1.70 -4.74
C THR A 410 21.74 3.13 -4.94
N GLN A 411 23.03 3.28 -5.20
CA GLN A 411 23.67 4.58 -5.38
C GLN A 411 23.38 5.22 -6.75
N ARG A 412 23.24 4.39 -7.77
CA ARG A 412 23.06 4.86 -9.15
C ARG A 412 21.72 5.55 -9.39
N ARG A 413 21.79 6.86 -9.65
CA ARG A 413 20.60 7.68 -9.89
C ARG A 413 20.58 8.19 -11.34
N VAL A 424 16.78 -5.14 -10.12
CA VAL A 424 16.18 -4.63 -11.35
C VAL A 424 14.98 -5.49 -11.76
N GLU A 425 15.11 -6.80 -11.61
CA GLU A 425 14.03 -7.75 -11.90
C GLU A 425 13.36 -8.27 -10.63
N GLY A 426 12.06 -8.04 -10.52
CA GLY A 426 11.27 -8.51 -9.38
C GLY A 426 11.61 -7.82 -8.07
N VAL A 427 12.65 -8.31 -7.40
CA VAL A 427 13.06 -7.82 -6.09
C VAL A 427 13.92 -6.55 -6.17
N ARG A 428 13.93 -5.79 -5.08
CA ARG A 428 14.76 -4.58 -4.97
C ARG A 428 16.10 -4.90 -4.32
N MET A 429 17.13 -4.16 -4.71
CA MET A 429 18.49 -4.41 -4.27
C MET A 429 18.71 -4.18 -2.77
N GLU A 430 17.84 -3.37 -2.15
CA GLU A 430 17.89 -3.13 -0.70
C GLU A 430 17.67 -4.42 0.09
N GLU A 431 16.76 -5.25 -0.41
CA GLU A 431 16.49 -6.56 0.19
C GLU A 431 17.72 -7.48 0.13
N ILE A 432 18.47 -7.37 -0.96
CA ILE A 432 19.73 -8.09 -1.13
C ILE A 432 20.80 -7.54 -0.19
N VAL A 433 20.85 -6.21 -0.06
CA VAL A 433 21.80 -5.55 0.85
C VAL A 433 21.59 -6.01 2.29
N GLU A 434 20.34 -6.04 2.74
CA GLU A 434 19.99 -6.47 4.08
C GLU A 434 20.26 -7.96 4.26
N GLY A 435 19.86 -8.76 3.28
CA GLY A 435 20.04 -10.21 3.31
C GLY A 435 21.47 -10.64 3.53
N CYS A 436 22.39 -10.11 2.71
CA CYS A 436 23.80 -10.48 2.77
C CYS A 436 24.47 -10.01 4.06
N THR A 437 24.22 -8.76 4.44
CA THR A 437 24.77 -8.22 5.69
C THR A 437 24.23 -9.01 6.89
N GLY A 438 22.94 -9.37 6.83
CA GLY A 438 22.32 -10.23 7.84
C GLY A 438 23.00 -11.58 7.92
N ALA A 439 23.25 -12.18 6.76
CA ALA A 439 23.93 -13.46 6.66
C ALA A 439 25.35 -13.39 7.21
N LEU A 440 26.04 -12.29 6.92
CA LEU A 440 27.43 -12.12 7.32
C LEU A 440 27.55 -11.85 8.81
N HIS A 441 26.55 -11.16 9.36
CA HIS A 441 26.45 -10.88 10.79
C HIS A 441 26.44 -12.16 11.59
N ILE A 442 25.70 -13.15 11.11
CA ILE A 442 25.64 -14.46 11.78
C ILE A 442 26.94 -15.25 11.57
N LEU A 443 27.45 -15.27 10.34
CA LEU A 443 28.72 -15.94 10.03
C LEU A 443 29.91 -15.39 10.82
N ALA A 444 29.92 -14.08 11.05
CA ALA A 444 30.97 -13.40 11.80
C ALA A 444 31.06 -13.81 13.27
N ARG A 445 30.22 -14.76 13.69
CA ARG A 445 30.30 -15.34 15.03
C ARG A 445 31.56 -16.18 15.15
N ASP A 446 31.97 -16.77 14.03
CA ASP A 446 33.15 -17.61 13.97
C ASP A 446 34.39 -16.76 13.72
N VAL A 447 35.44 -17.05 14.48
CA VAL A 447 36.70 -16.30 14.43
C VAL A 447 37.37 -16.35 13.05
N HIS A 448 37.33 -17.51 12.40
CA HIS A 448 37.95 -17.68 11.09
C HIS A 448 37.16 -16.99 10.01
N ASN A 449 35.84 -16.93 10.18
CA ASN A 449 34.99 -16.16 9.28
C ASN A 449 35.27 -14.67 9.37
N ARG A 450 35.50 -14.19 10.60
CA ARG A 450 35.84 -12.79 10.82
C ARG A 450 37.09 -12.36 10.06
N ILE A 451 38.09 -13.23 10.01
CA ILE A 451 39.33 -12.99 9.25
C ILE A 451 39.02 -12.84 7.75
N VAL A 452 38.28 -13.80 7.21
CA VAL A 452 37.90 -13.77 5.78
C VAL A 452 37.10 -12.52 5.44
N ILE A 453 36.10 -12.21 6.27
CA ILE A 453 35.25 -11.03 6.10
C ILE A 453 36.08 -9.73 6.10
N ARG A 454 37.00 -9.61 7.06
CA ARG A 454 37.86 -8.44 7.20
C ARG A 454 38.81 -8.27 6.01
N GLY A 455 39.41 -9.39 5.57
CA GLY A 455 40.34 -9.40 4.45
C GLY A 455 39.75 -8.99 3.10
N LEU A 456 38.42 -8.92 3.03
CA LEU A 456 37.73 -8.55 1.78
C LEU A 456 37.33 -7.08 1.73
N ASN A 457 37.91 -6.28 2.64
CA ASN A 457 37.67 -4.83 2.69
C ASN A 457 36.18 -4.48 2.78
N THR A 458 35.49 -5.12 3.72
CA THR A 458 34.07 -4.93 3.90
C THR A 458 33.75 -3.84 4.92
N ILE A 459 34.67 -3.60 5.86
CA ILE A 459 34.50 -2.58 6.89
C ILE A 459 34.08 -1.20 6.32
N PRO A 460 34.76 -0.70 5.27
CA PRO A 460 34.30 0.53 4.62
C PRO A 460 32.83 0.50 4.19
N LEU A 461 32.39 -0.60 3.57
CA LEU A 461 31.02 -0.74 3.09
C LEU A 461 30.03 -0.77 4.25
N PHE A 462 30.35 -1.54 5.30
CA PHE A 462 29.50 -1.71 6.47
C PHE A 462 29.22 -0.38 7.17
N VAL A 463 30.25 0.46 7.24
CA VAL A 463 30.14 1.79 7.85
C VAL A 463 29.21 2.69 7.05
N GLN A 464 29.36 2.68 5.72
CA GLN A 464 28.46 3.43 4.84
C GLN A 464 27.01 2.98 5.00
N LEU A 465 26.83 1.70 5.35
CA LEU A 465 25.51 1.13 5.56
C LEU A 465 24.83 1.61 6.84
N LEU A 466 25.59 2.22 7.75
CA LEU A 466 25.04 2.84 8.93
C LEU A 466 24.26 4.12 8.59
N TYR A 467 24.52 4.67 7.41
CA TYR A 467 23.85 5.88 6.94
C TYR A 467 22.54 5.58 6.22
N SER A 468 22.25 4.28 6.03
CA SER A 468 21.04 3.86 5.34
C SER A 468 19.79 4.32 6.09
N PRO A 469 18.77 4.81 5.36
CA PRO A 469 17.50 5.18 6.01
C PRO A 469 16.73 3.98 6.53
N ILE A 470 17.01 2.80 5.95
CA ILE A 470 16.30 1.57 6.32
C ILE A 470 16.88 0.99 7.63
N GLU A 471 16.02 0.90 8.64
CA GLU A 471 16.43 0.49 9.99
C GLU A 471 16.96 -0.92 10.08
N ASN A 472 16.39 -1.82 9.27
CA ASN A 472 16.83 -3.21 9.25
C ASN A 472 18.25 -3.36 8.72
N ILE A 473 18.61 -2.52 7.75
CA ILE A 473 19.97 -2.47 7.23
C ILE A 473 20.93 -1.90 8.28
N GLN A 474 20.51 -0.86 8.97
CA GLN A 474 21.29 -0.27 10.06
C GLN A 474 21.64 -1.32 11.12
N ARG A 475 20.65 -2.14 11.47
CA ARG A 475 20.78 -3.14 12.52
C ARG A 475 21.80 -4.21 12.18
N VAL A 476 21.68 -4.79 10.97
CA VAL A 476 22.60 -5.84 10.54
C VAL A 476 23.99 -5.31 10.24
N ALA A 477 24.06 -4.03 9.87
CA ALA A 477 25.32 -3.34 9.63
C ALA A 477 26.04 -3.09 10.95
N ALA A 478 25.28 -2.66 11.96
CA ALA A 478 25.82 -2.47 13.31
C ALA A 478 26.11 -3.81 13.96
N GLY A 479 25.36 -4.84 13.56
CA GLY A 479 25.53 -6.19 14.07
C GLY A 479 26.86 -6.81 13.68
N VAL A 480 27.14 -6.83 12.37
CA VAL A 480 28.37 -7.42 11.85
C VAL A 480 29.60 -6.66 12.36
N LEU A 481 29.48 -5.34 12.43
CA LEU A 481 30.56 -4.49 12.92
C LEU A 481 30.84 -4.77 14.39
N CYS A 482 29.78 -4.98 15.16
CA CYS A 482 29.88 -5.35 16.57
C CYS A 482 30.62 -6.67 16.74
N GLU A 483 30.25 -7.67 15.94
CA GLU A 483 30.92 -8.96 15.93
C GLU A 483 32.40 -8.82 15.57
N LEU A 484 32.69 -8.06 14.52
CA LEU A 484 34.07 -7.85 14.06
C LEU A 484 34.92 -7.07 15.07
N ALA A 485 34.31 -6.10 15.73
CA ALA A 485 35.02 -5.21 16.67
C ALA A 485 35.55 -5.91 17.93
N GLN A 486 35.20 -7.18 18.12
CA GLN A 486 35.73 -7.95 19.25
C GLN A 486 37.21 -8.34 19.04
N ASP A 487 37.70 -8.18 17.81
CA ASP A 487 39.11 -8.31 17.50
C ASP A 487 39.74 -6.92 17.41
N LYS A 488 40.94 -6.76 17.96
CA LYS A 488 41.60 -5.46 18.02
C LYS A 488 41.91 -4.85 16.65
N GLU A 489 42.46 -5.67 15.74
CA GLU A 489 42.82 -5.21 14.40
C GLU A 489 41.61 -4.68 13.62
N ALA A 490 40.47 -5.35 13.77
CA ALA A 490 39.23 -4.93 13.12
C ALA A 490 38.67 -3.63 13.71
N ALA A 491 38.81 -3.48 15.03
CA ALA A 491 38.32 -2.30 15.73
C ALA A 491 38.97 -1.02 15.21
N GLU A 492 40.28 -1.09 14.98
CA GLU A 492 41.02 0.06 14.46
C GLU A 492 40.56 0.47 13.07
N ALA A 493 40.25 -0.52 12.23
CA ALA A 493 39.77 -0.27 10.86
C ALA A 493 38.40 0.40 10.86
N ILE A 494 37.52 -0.05 11.75
CA ILE A 494 36.18 0.54 11.90
C ILE A 494 36.29 2.01 12.34
N GLU A 495 37.18 2.25 13.31
CA GLU A 495 37.49 3.62 13.75
C GLU A 495 38.13 4.44 12.63
N ALA A 496 39.02 3.80 11.86
CA ALA A 496 39.72 4.45 10.74
C ALA A 496 38.78 4.88 9.63
N GLU A 497 37.68 4.14 9.47
CA GLU A 497 36.68 4.48 8.45
C GLU A 497 35.72 5.56 8.94
N GLY A 498 35.93 6.02 10.18
CA GLY A 498 35.15 7.11 10.77
C GLY A 498 33.74 6.72 11.13
N ALA A 499 33.60 5.57 11.79
CA ALA A 499 32.28 5.04 12.16
C ALA A 499 31.72 5.66 13.43
N THR A 500 32.58 6.36 14.19
CA THR A 500 32.20 6.99 15.44
C THR A 500 30.98 7.91 15.30
N ALA A 501 30.99 8.77 14.29
CA ALA A 501 29.90 9.73 14.07
C ALA A 501 28.56 9.06 13.75
N PRO A 502 28.52 8.15 12.75
CA PRO A 502 27.25 7.46 12.50
C PRO A 502 26.77 6.53 13.64
N LEU A 503 27.71 5.96 14.40
CA LEU A 503 27.37 5.08 15.52
C LEU A 503 26.77 5.82 16.71
N THR A 504 27.32 7.00 17.01
CA THR A 504 26.81 7.84 18.10
C THR A 504 25.41 8.38 17.76
N GLU A 505 25.16 8.63 16.48
CA GLU A 505 23.80 8.95 16.00
C GLU A 505 22.86 7.79 16.32
N LEU A 506 23.33 6.57 16.07
CA LEU A 506 22.51 5.37 16.20
C LEU A 506 22.25 4.92 17.62
N LEU A 507 23.06 5.42 18.57
CA LEU A 507 22.84 5.20 20.00
C LEU A 507 21.44 5.64 20.43
N HIS A 508 20.81 6.50 19.64
CA HIS A 508 19.53 7.11 19.99
C HIS A 508 18.41 6.65 19.10
N SER A 509 18.65 5.57 18.35
CA SER A 509 17.62 5.03 17.46
C SER A 509 16.39 4.56 18.23
N ARG A 510 15.23 4.74 17.60
CA ARG A 510 13.96 4.24 18.14
C ARG A 510 13.95 2.71 18.14
N ASN A 511 14.89 2.11 17.42
CA ASN A 511 15.06 0.67 17.31
C ASN A 511 16.10 0.19 18.32
N GLU A 512 15.67 -0.61 19.30
CA GLU A 512 16.54 -1.01 20.41
C GLU A 512 17.71 -1.89 19.97
N GLY A 513 17.47 -2.75 18.98
CA GLY A 513 18.53 -3.58 18.38
C GLY A 513 19.64 -2.73 17.77
N VAL A 514 19.24 -1.74 16.97
CA VAL A 514 20.18 -0.80 16.36
C VAL A 514 21.02 -0.11 17.46
N ALA A 515 20.35 0.37 18.49
CA ALA A 515 21.00 1.08 19.59
C ALA A 515 21.93 0.21 20.44
N THR A 516 21.54 -1.05 20.65
CA THR A 516 22.33 -2.00 21.43
C THR A 516 23.67 -2.32 20.74
N TYR A 517 23.62 -2.63 19.45
CA TYR A 517 24.83 -2.91 18.68
C TYR A 517 25.72 -1.68 18.54
N ALA A 518 25.11 -0.52 18.29
CA ALA A 518 25.83 0.73 18.18
C ALA A 518 26.67 0.99 19.42
N ALA A 519 26.11 0.69 20.57
CA ALA A 519 26.80 0.85 21.85
C ALA A 519 27.98 -0.10 21.98
N ALA A 520 27.77 -1.34 21.54
CA ALA A 520 28.78 -2.38 21.62
C ALA A 520 30.01 -2.07 20.78
N VAL A 521 29.80 -1.45 19.62
CA VAL A 521 30.92 -1.04 18.75
C VAL A 521 31.69 0.13 19.38
N LEU A 522 30.96 1.14 19.84
CA LEU A 522 31.58 2.30 20.51
C LEU A 522 32.30 1.88 21.80
N PHE A 523 31.84 0.79 22.41
CA PHE A 523 32.49 0.19 23.58
C PHE A 523 33.87 -0.34 23.20
N ARG A 524 33.92 -1.19 22.18
CA ARG A 524 35.15 -1.88 21.78
C ARG A 524 36.23 -0.98 21.17
N MET A 525 35.85 0.23 20.77
CA MET A 525 36.81 1.18 20.18
C MET A 525 37.49 2.05 21.24
N SER A 526 37.85 1.42 22.37
CA SER A 526 38.53 2.09 23.47
C SER A 526 39.82 1.37 23.86
N ALA B 12 -9.47 69.12 -26.16
CA ALA B 12 -10.96 69.19 -26.21
C ALA B 12 -11.53 68.17 -27.22
N THR B 13 -10.96 68.15 -28.42
CA THR B 13 -11.38 67.22 -29.47
C THR B 13 -10.61 65.91 -29.40
N ARG B 14 -11.33 64.81 -29.52
CA ARG B 14 -10.74 63.47 -29.47
C ARG B 14 -10.01 63.13 -30.78
N ALA B 15 -8.79 63.63 -30.90
CA ALA B 15 -7.94 63.37 -32.08
C ALA B 15 -7.16 62.07 -31.93
N ILE B 16 -7.86 61.04 -31.44
CA ILE B 16 -7.28 59.71 -31.24
C ILE B 16 -7.16 58.90 -32.54
N PRO B 17 -8.23 58.88 -33.39
CA PRO B 17 -8.19 58.07 -34.61
C PRO B 17 -7.02 58.38 -35.56
N GLU B 18 -6.49 59.60 -35.47
CA GLU B 18 -5.32 60.01 -36.24
C GLU B 18 -4.06 59.29 -35.76
N LEU B 19 -3.86 59.27 -34.44
CA LEU B 19 -2.73 58.56 -33.82
C LEU B 19 -2.89 57.03 -33.92
N THR B 20 -4.13 56.56 -33.98
CA THR B 20 -4.44 55.14 -34.14
C THR B 20 -3.90 54.60 -35.47
N LYS B 21 -4.12 55.37 -36.54
CA LYS B 21 -3.67 55.00 -37.88
C LYS B 21 -2.15 55.08 -38.01
N LEU B 22 -1.55 56.07 -37.34
CA LEU B 22 -0.08 56.23 -37.35
C LEU B 22 0.62 55.12 -36.58
N LEU B 23 -0.10 54.53 -35.61
CA LEU B 23 0.44 53.45 -34.79
C LEU B 23 0.38 52.11 -35.53
N ASN B 24 -0.71 51.90 -36.28
CA ASN B 24 -0.83 50.74 -37.16
C ASN B 24 -0.27 51.08 -38.55
N ASP B 25 1.06 51.18 -38.61
CA ASP B 25 1.77 51.64 -39.80
C ASP B 25 2.96 50.73 -40.12
N GLU B 26 3.30 50.65 -41.41
CA GLU B 26 4.44 49.85 -41.87
C GLU B 26 5.80 50.52 -41.59
N ASP B 27 5.78 51.83 -41.38
CA ASP B 27 6.98 52.60 -41.08
C ASP B 27 7.27 52.63 -39.57
N GLN B 28 8.51 52.32 -39.20
CA GLN B 28 8.91 52.19 -37.80
C GLN B 28 9.28 53.51 -37.12
N VAL B 29 9.41 54.58 -37.91
CA VAL B 29 9.75 55.91 -37.38
C VAL B 29 8.49 56.72 -37.03
N VAL B 30 7.46 56.58 -37.85
CA VAL B 30 6.16 57.24 -37.63
C VAL B 30 5.43 56.64 -36.42
N VAL B 31 5.36 55.30 -36.38
CA VAL B 31 4.76 54.57 -35.26
C VAL B 31 5.47 54.89 -33.95
N ASN B 32 6.78 55.14 -34.04
CA ASN B 32 7.59 55.53 -32.89
C ASN B 32 7.16 56.88 -32.31
N LYS B 33 6.99 57.88 -33.18
CA LYS B 33 6.60 59.23 -32.77
C LYS B 33 5.18 59.27 -32.21
N ALA B 34 4.30 58.42 -32.75
CA ALA B 34 2.92 58.30 -32.30
C ALA B 34 2.81 57.70 -30.90
N ALA B 35 3.70 56.76 -30.60
CA ALA B 35 3.73 56.09 -29.29
C ALA B 35 4.13 57.03 -28.17
N VAL B 36 4.98 58.01 -28.49
CA VAL B 36 5.42 59.02 -27.53
C VAL B 36 4.27 59.99 -27.22
N MET B 37 3.59 60.46 -28.25
CA MET B 37 2.47 61.39 -28.11
C MET B 37 1.25 60.75 -27.47
N VAL B 38 1.06 59.45 -27.72
CA VAL B 38 -0.02 58.70 -27.07
C VAL B 38 0.27 58.47 -25.59
N HIS B 39 1.55 58.34 -25.24
CA HIS B 39 1.98 58.14 -23.85
C HIS B 39 1.83 59.39 -23.01
N GLN B 40 2.12 60.56 -23.60
CA GLN B 40 1.93 61.84 -22.91
C GLN B 40 0.45 62.17 -22.80
N LEU B 41 -0.33 61.69 -23.78
CA LEU B 41 -1.79 61.83 -23.76
C LEU B 41 -2.43 60.93 -22.71
N SER B 42 -1.72 59.88 -22.27
CA SER B 42 -2.25 58.98 -21.26
C SER B 42 -2.07 59.50 -19.83
N LYS B 43 -1.18 60.48 -19.67
CA LYS B 43 -0.86 61.03 -18.35
C LYS B 43 -1.95 61.94 -17.81
N LYS B 44 -2.70 62.56 -18.71
CA LYS B 44 -3.84 63.41 -18.36
C LYS B 44 -5.15 62.63 -18.46
N GLU B 45 -5.95 62.69 -17.40
CA GLU B 45 -7.19 61.91 -17.30
C GLU B 45 -8.17 62.13 -18.45
N ALA B 46 -8.24 63.36 -18.95
CA ALA B 46 -9.15 63.73 -20.03
C ALA B 46 -8.92 62.90 -21.29
N SER B 47 -7.68 62.87 -21.75
CA SER B 47 -7.31 62.11 -22.95
C SER B 47 -7.01 60.64 -22.65
N ARG B 48 -6.84 60.30 -21.36
CA ARG B 48 -6.69 58.91 -20.94
C ARG B 48 -8.02 58.17 -21.03
N HIS B 49 -9.11 58.89 -20.73
CA HIS B 49 -10.47 58.38 -20.89
C HIS B 49 -10.86 58.30 -22.34
N ALA B 50 -10.14 59.05 -23.17
CA ALA B 50 -10.33 59.01 -24.63
C ALA B 50 -9.60 57.84 -25.26
N ILE B 51 -8.43 57.50 -24.70
CA ILE B 51 -7.63 56.37 -25.17
C ILE B 51 -8.38 55.05 -24.98
N MET B 52 -8.94 54.85 -23.79
CA MET B 52 -9.87 53.75 -23.56
C MET B 52 -11.26 54.14 -24.05
N ARG B 53 -12.17 53.18 -24.09
CA ARG B 53 -13.48 53.34 -24.76
C ARG B 53 -13.34 53.49 -26.28
N SER B 54 -12.08 53.54 -26.74
CA SER B 54 -11.75 53.48 -28.16
C SER B 54 -11.00 52.17 -28.43
N PRO B 55 -11.76 51.11 -28.83
CA PRO B 55 -11.22 49.75 -28.96
C PRO B 55 -10.06 49.60 -29.95
N GLN B 56 -10.00 50.50 -30.94
CA GLN B 56 -9.01 50.40 -32.03
C GLN B 56 -7.56 50.66 -31.60
N MET B 57 -7.31 51.76 -30.89
CA MET B 57 -5.94 52.10 -30.49
C MET B 57 -5.42 51.22 -29.37
N VAL B 58 -6.29 50.81 -28.45
CA VAL B 58 -5.91 49.90 -27.38
C VAL B 58 -5.30 48.62 -27.99
N SER B 59 -5.93 48.11 -29.03
CA SER B 59 -5.40 46.98 -29.81
C SER B 59 -4.07 47.32 -30.49
N ALA B 60 -3.96 48.56 -30.96
CA ALA B 60 -2.76 49.03 -31.65
C ALA B 60 -1.58 49.17 -30.69
N ILE B 61 -1.84 49.68 -29.50
CA ILE B 61 -0.82 49.82 -28.44
C ILE B 61 -0.28 48.45 -28.03
N VAL B 62 -1.19 47.50 -27.81
CA VAL B 62 -0.83 46.11 -27.47
C VAL B 62 0.02 45.47 -28.57
N ARG B 63 -0.40 45.64 -29.82
CA ARG B 63 0.28 45.05 -30.96
C ARG B 63 1.68 45.64 -31.15
N THR B 64 1.78 46.97 -31.13
CA THR B 64 3.07 47.66 -31.34
C THR B 64 4.07 47.40 -30.22
N MET B 65 3.56 47.18 -29.01
CA MET B 65 4.40 46.86 -27.85
C MET B 65 5.08 45.50 -28.01
N GLN B 66 4.32 44.52 -28.50
CA GLN B 66 4.81 43.16 -28.67
C GLN B 66 5.51 42.95 -30.03
N ASN B 67 5.73 44.03 -30.77
CA ASN B 67 6.35 43.95 -32.10
C ASN B 67 7.57 44.83 -32.30
N THR B 68 7.61 45.98 -31.64
CA THR B 68 8.72 46.93 -31.77
C THR B 68 10.07 46.33 -31.35
N ASN B 69 11.14 46.91 -31.88
CA ASN B 69 12.48 46.58 -31.44
C ASN B 69 13.18 47.79 -30.83
N ASP B 70 12.44 48.89 -30.71
CA ASP B 70 12.95 50.12 -30.11
C ASP B 70 12.67 50.17 -28.62
N VAL B 71 13.65 50.65 -27.85
CA VAL B 71 13.56 50.72 -26.39
C VAL B 71 12.52 51.74 -25.94
N GLU B 72 12.57 52.93 -26.54
CA GLU B 72 11.67 54.03 -26.19
C GLU B 72 10.21 53.74 -26.52
N THR B 73 9.97 52.98 -27.58
CA THR B 73 8.61 52.64 -28.01
C THR B 73 7.98 51.60 -27.07
N ALA B 74 8.80 50.69 -26.55
CA ALA B 74 8.36 49.69 -25.58
C ALA B 74 8.05 50.31 -24.22
N ARG B 75 8.86 51.29 -23.83
CA ARG B 75 8.67 52.03 -22.58
C ARG B 75 7.37 52.84 -22.60
N CYS B 76 7.07 53.42 -23.76
CA CYS B 76 5.90 54.28 -23.92
C CYS B 76 4.59 53.50 -23.94
N THR B 77 4.57 52.41 -24.71
CA THR B 77 3.35 51.59 -24.87
C THR B 77 2.97 50.86 -23.58
N ALA B 78 3.96 50.27 -22.91
CA ALA B 78 3.76 49.57 -21.64
C ALA B 78 3.36 50.53 -20.51
N GLY B 79 3.92 51.74 -20.57
CA GLY B 79 3.58 52.81 -19.63
C GLY B 79 2.18 53.37 -19.86
N THR B 80 1.77 53.42 -21.14
CA THR B 80 0.41 53.83 -21.51
C THR B 80 -0.60 52.84 -20.95
N LEU B 81 -0.37 51.55 -21.21
CA LEU B 81 -1.22 50.48 -20.71
C LEU B 81 -1.25 50.43 -19.18
N HIS B 82 -0.10 50.74 -18.56
CA HIS B 82 0.00 50.84 -17.10
C HIS B 82 -0.90 51.91 -16.57
N ASN B 83 -0.97 53.04 -17.28
CA ASN B 83 -1.85 54.14 -16.91
C ASN B 83 -3.33 53.82 -17.10
N LEU B 84 -3.64 52.99 -18.10
CA LEU B 84 -5.02 52.60 -18.39
C LEU B 84 -5.57 51.63 -17.36
N SER B 85 -4.68 50.77 -16.85
CA SER B 85 -5.05 49.70 -15.91
C SER B 85 -5.48 50.21 -14.53
N HIS B 86 -5.31 51.51 -14.29
CA HIS B 86 -5.77 52.12 -13.04
C HIS B 86 -7.26 52.26 -13.01
N HIS B 87 -7.87 52.31 -14.20
CA HIS B 87 -9.33 52.39 -14.32
C HIS B 87 -9.91 51.07 -14.74
N ARG B 88 -11.10 50.76 -14.21
CA ARG B 88 -11.77 49.47 -14.44
C ARG B 88 -12.22 49.24 -15.89
N GLU B 89 -12.53 50.31 -16.60
CA GLU B 89 -12.86 50.23 -18.02
C GLU B 89 -11.61 49.96 -18.85
N GLY B 90 -10.48 50.50 -18.38
CA GLY B 90 -9.18 50.29 -19.02
C GLY B 90 -8.67 48.87 -18.87
N LEU B 91 -8.95 48.26 -17.71
CA LEU B 91 -8.61 46.86 -17.47
C LEU B 91 -9.35 45.94 -18.41
N LEU B 92 -10.62 46.26 -18.67
CA LEU B 92 -11.45 45.48 -19.58
C LEU B 92 -11.02 45.68 -21.03
N ALA B 93 -10.61 46.92 -21.35
CA ALA B 93 -10.14 47.26 -22.69
C ALA B 93 -8.84 46.54 -23.05
N ILE B 94 -7.93 46.43 -22.08
CA ILE B 94 -6.68 45.68 -22.25
C ILE B 94 -6.97 44.18 -22.39
N PHE B 95 -7.84 43.67 -21.52
CA PHE B 95 -8.23 42.26 -21.53
C PHE B 95 -8.92 41.83 -22.83
N LYS B 96 -9.92 42.60 -23.25
CA LYS B 96 -10.64 42.34 -24.51
C LYS B 96 -9.75 42.57 -25.74
N SER B 97 -8.77 43.47 -25.62
CA SER B 97 -7.80 43.70 -26.69
C SER B 97 -6.72 42.61 -26.73
N GLY B 98 -6.72 41.72 -25.75
CA GLY B 98 -5.77 40.61 -25.68
C GLY B 98 -4.39 41.03 -25.19
N GLY B 99 -4.36 41.98 -24.26
CA GLY B 99 -3.12 42.52 -23.73
C GLY B 99 -2.30 41.56 -22.89
N ILE B 100 -2.95 40.58 -22.27
CA ILE B 100 -2.31 39.67 -21.32
C ILE B 100 -1.11 38.88 -21.90
N PRO B 101 -1.30 38.18 -23.04
CA PRO B 101 -0.17 37.44 -23.60
C PRO B 101 0.96 38.35 -24.05
N ALA B 102 0.61 39.55 -24.52
CA ALA B 102 1.60 40.54 -24.94
C ALA B 102 2.39 41.08 -23.74
N LEU B 103 1.68 41.38 -22.65
CA LEU B 103 2.31 41.81 -21.39
C LEU B 103 3.16 40.70 -20.78
N VAL B 104 2.74 39.45 -20.96
CA VAL B 104 3.54 38.30 -20.54
C VAL B 104 4.82 38.19 -21.37
N LYS B 105 4.73 38.49 -22.66
CA LYS B 105 5.90 38.50 -23.54
C LYS B 105 6.91 39.58 -23.12
N MET B 106 6.39 40.71 -22.63
CA MET B 106 7.23 41.82 -22.17
C MET B 106 7.99 41.50 -20.86
N LEU B 107 7.61 40.39 -20.21
CA LEU B 107 8.28 39.97 -18.99
C LEU B 107 9.68 39.41 -19.26
N GLY B 108 9.98 39.15 -20.53
CA GLY B 108 11.32 38.77 -20.97
C GLY B 108 12.15 39.94 -21.45
N SER B 109 11.66 41.16 -21.24
CA SER B 109 12.37 42.37 -21.66
C SER B 109 13.57 42.69 -20.76
N PRO B 110 14.69 43.15 -21.36
CA PRO B 110 15.89 43.53 -20.60
C PRO B 110 15.76 44.85 -19.86
N VAL B 111 15.07 45.82 -20.46
CA VAL B 111 14.90 47.15 -19.86
C VAL B 111 13.94 47.12 -18.66
N ASP B 112 14.41 47.64 -17.53
CA ASP B 112 13.68 47.57 -16.26
C ASP B 112 12.34 48.30 -16.25
N SER B 113 12.29 49.49 -16.83
CA SER B 113 11.08 50.32 -16.82
C SER B 113 9.92 49.61 -17.51
N VAL B 114 10.21 48.91 -18.60
CA VAL B 114 9.24 48.09 -19.32
C VAL B 114 8.73 46.95 -18.43
N LEU B 115 9.66 46.27 -17.75
CA LEU B 115 9.33 45.17 -16.83
C LEU B 115 8.41 45.64 -15.71
N PHE B 116 8.75 46.77 -15.11
CA PHE B 116 7.96 47.37 -14.05
C PHE B 116 6.54 47.68 -14.52
N TYR B 117 6.44 48.33 -15.68
CA TYR B 117 5.13 48.64 -16.28
C TYR B 117 4.33 47.38 -16.59
N ALA B 118 5.00 46.37 -17.12
CA ALA B 118 4.36 45.11 -17.50
C ALA B 118 3.79 44.35 -16.29
N ILE B 119 4.61 44.20 -15.25
CA ILE B 119 4.21 43.44 -14.06
C ILE B 119 3.11 44.15 -13.26
N THR B 120 3.16 45.47 -13.23
CA THR B 120 2.13 46.27 -12.54
C THR B 120 0.79 46.21 -13.28
N THR B 121 0.84 46.19 -14.60
CA THR B 121 -0.40 46.10 -15.39
C THR B 121 -1.01 44.71 -15.23
N LEU B 122 -0.16 43.68 -15.26
CA LEU B 122 -0.61 42.31 -15.04
C LEU B 122 -1.16 42.11 -13.62
N HIS B 123 -0.53 42.76 -12.65
CA HIS B 123 -0.94 42.67 -11.25
C HIS B 123 -2.32 43.24 -11.03
N ASN B 124 -2.59 44.40 -11.64
CA ASN B 124 -3.90 45.03 -11.60
C ASN B 124 -4.98 44.15 -12.19
N LEU B 125 -4.67 43.52 -13.33
CA LEU B 125 -5.58 42.62 -14.01
C LEU B 125 -5.97 41.40 -13.16
N LEU B 126 -4.98 40.76 -12.54
CA LEU B 126 -5.20 39.59 -11.70
C LEU B 126 -6.06 39.89 -10.46
N LEU B 127 -6.06 41.15 -10.03
CA LEU B 127 -6.81 41.57 -8.86
C LEU B 127 -8.27 41.92 -9.17
N HIS B 128 -8.49 42.64 -10.27
CA HIS B 128 -9.80 43.26 -10.53
C HIS B 128 -10.52 42.80 -11.77
N GLN B 129 -9.81 42.13 -12.68
CA GLN B 129 -10.42 41.70 -13.94
C GLN B 129 -10.81 40.22 -13.92
N GLU B 130 -12.05 39.95 -14.32
CA GLU B 130 -12.61 38.60 -14.41
C GLU B 130 -11.91 37.80 -15.49
N GLY B 131 -11.49 36.58 -15.13
CA GLY B 131 -10.87 35.64 -16.08
C GLY B 131 -9.42 35.90 -16.42
N ALA B 132 -8.76 36.76 -15.64
CA ALA B 132 -7.38 37.14 -15.88
C ALA B 132 -6.38 36.04 -15.52
N LYS B 133 -6.68 35.32 -14.44
CA LYS B 133 -5.80 34.26 -13.96
C LYS B 133 -5.55 33.18 -15.00
N MET B 134 -6.63 32.68 -15.59
CA MET B 134 -6.57 31.66 -16.63
C MET B 134 -5.71 32.14 -17.81
N ALA B 135 -5.96 33.36 -18.28
CA ALA B 135 -5.25 33.92 -19.43
C ALA B 135 -3.76 34.13 -19.21
N VAL B 136 -3.36 34.44 -17.97
CA VAL B 136 -1.94 34.56 -17.62
C VAL B 136 -1.28 33.19 -17.56
N ARG B 137 -1.99 32.22 -16.96
CA ARG B 137 -1.54 30.83 -16.95
C ARG B 137 -1.36 30.28 -18.36
N LEU B 138 -2.30 30.57 -19.25
CA LEU B 138 -2.25 30.14 -20.65
C LEU B 138 -1.08 30.76 -21.43
N ALA B 139 -0.73 32.00 -21.08
CA ALA B 139 0.37 32.70 -21.75
C ALA B 139 1.74 32.31 -21.21
N GLY B 140 1.77 31.40 -20.24
CA GLY B 140 3.02 30.98 -19.61
C GLY B 140 3.63 32.08 -18.75
N GLY B 141 2.77 32.83 -18.07
CA GLY B 141 3.21 33.93 -17.22
C GLY B 141 3.94 33.47 -15.96
N LEU B 142 3.53 32.33 -15.42
CA LEU B 142 4.13 31.78 -14.20
C LEU B 142 5.64 31.61 -14.34
N GLN B 143 6.07 30.96 -15.42
CA GLN B 143 7.48 30.68 -15.67
C GLN B 143 8.30 31.96 -15.78
N LYS B 144 7.77 32.92 -16.53
CA LYS B 144 8.45 34.20 -16.72
C LYS B 144 8.57 35.00 -15.42
N MET B 145 7.52 34.95 -14.60
CA MET B 145 7.52 35.60 -13.29
C MET B 145 8.51 34.99 -12.31
N VAL B 146 8.65 33.66 -12.36
CA VAL B 146 9.63 32.97 -11.52
C VAL B 146 11.06 33.37 -11.90
N ALA B 147 11.32 33.50 -13.19
CA ALA B 147 12.62 33.95 -13.68
C ALA B 147 12.94 35.39 -13.26
N LEU B 148 11.90 36.16 -12.95
CA LEU B 148 12.07 37.56 -12.53
C LEU B 148 12.46 37.72 -11.06
N LEU B 149 12.49 36.63 -10.31
CA LEU B 149 12.76 36.68 -8.88
C LEU B 149 14.25 36.88 -8.51
N ASN B 150 15.12 36.83 -9.52
CA ASN B 150 16.53 37.17 -9.34
C ASN B 150 16.82 38.67 -9.47
N LYS B 151 15.80 39.46 -9.81
CA LYS B 151 15.91 40.92 -9.85
C LYS B 151 16.10 41.50 -8.45
N THR B 152 16.62 42.72 -8.38
CA THR B 152 17.05 43.30 -7.10
C THR B 152 16.16 44.41 -6.52
N ASN B 153 15.24 44.94 -7.35
CA ASN B 153 14.30 45.98 -6.90
C ASN B 153 13.17 45.39 -6.05
N VAL B 154 13.05 45.85 -4.81
CA VAL B 154 12.13 45.24 -3.84
C VAL B 154 10.64 45.49 -4.12
N LYS B 155 10.30 46.68 -4.62
CA LYS B 155 8.92 46.98 -5.00
C LYS B 155 8.47 46.16 -6.20
N PHE B 156 9.38 45.97 -7.16
CA PHE B 156 9.15 45.08 -8.29
C PHE B 156 8.97 43.63 -7.83
N LEU B 157 9.83 43.19 -6.91
CA LEU B 157 9.76 41.84 -6.35
C LEU B 157 8.48 41.61 -5.53
N ALA B 158 8.03 42.63 -4.82
CA ALA B 158 6.79 42.56 -4.05
C ALA B 158 5.56 42.38 -4.96
N ILE B 159 5.58 43.02 -6.11
CA ILE B 159 4.49 42.88 -7.10
C ILE B 159 4.53 41.50 -7.77
N THR B 160 5.73 41.05 -8.10
CA THR B 160 5.92 39.73 -8.74
C THR B 160 5.46 38.58 -7.83
N THR B 161 5.83 38.64 -6.55
CA THR B 161 5.44 37.60 -5.60
C THR B 161 3.93 37.59 -5.33
N ASP B 162 3.30 38.76 -5.36
CA ASP B 162 1.86 38.83 -5.16
C ASP B 162 1.10 38.21 -6.33
N CYS B 163 1.60 38.44 -7.54
CA CYS B 163 1.06 37.80 -8.75
C CYS B 163 1.09 36.28 -8.63
N LEU B 164 2.24 35.75 -8.21
CA LEU B 164 2.43 34.31 -8.07
C LEU B 164 1.51 33.70 -7.02
N GLN B 165 1.26 34.45 -5.95
CA GLN B 165 0.36 34.01 -4.89
C GLN B 165 -1.07 33.92 -5.42
N ILE B 166 -1.50 34.94 -6.16
CA ILE B 166 -2.82 34.96 -6.79
C ILE B 166 -3.00 33.76 -7.72
N LEU B 167 -1.95 33.41 -8.46
CA LEU B 167 -2.01 32.33 -9.44
C LEU B 167 -1.88 30.94 -8.83
N ALA B 168 -1.11 30.82 -7.76
CA ALA B 168 -0.86 29.53 -7.09
C ALA B 168 -1.96 29.09 -6.14
N TYR B 169 -2.64 30.07 -5.53
CA TYR B 169 -3.67 29.79 -4.53
C TYR B 169 -4.80 28.93 -5.09
N GLY B 170 -4.97 27.76 -4.50
CA GLY B 170 -6.02 26.81 -4.89
C GLY B 170 -5.90 26.33 -6.33
N ASN B 171 -4.67 26.09 -6.78
CA ASN B 171 -4.41 25.62 -8.15
C ASN B 171 -3.16 24.77 -8.20
N GLN B 172 -3.34 23.45 -8.08
CA GLN B 172 -2.23 22.50 -8.03
C GLN B 172 -1.36 22.52 -9.28
N GLU B 173 -1.97 22.75 -10.44
CA GLU B 173 -1.24 22.88 -11.71
C GLU B 173 -0.19 23.99 -11.64
N SER B 174 -0.58 25.14 -11.10
CA SER B 174 0.29 26.30 -11.02
C SER B 174 1.43 26.08 -10.04
N LYS B 175 1.14 25.43 -8.91
CA LYS B 175 2.15 25.13 -7.90
C LYS B 175 3.27 24.24 -8.44
N LEU B 176 2.91 23.27 -9.26
CA LEU B 176 3.89 22.33 -9.82
C LEU B 176 4.77 22.96 -10.90
N ILE B 177 4.18 23.88 -11.66
CA ILE B 177 4.92 24.72 -12.61
C ILE B 177 5.92 25.60 -11.86
N ILE B 178 5.45 26.27 -10.81
CA ILE B 178 6.31 27.08 -9.95
C ILE B 178 7.46 26.25 -9.36
N LEU B 179 7.15 25.01 -8.98
CA LEU B 179 8.17 24.07 -8.49
C LEU B 179 9.22 23.77 -9.55
N ALA B 180 8.75 23.43 -10.75
CA ALA B 180 9.63 23.03 -11.85
C ALA B 180 10.48 24.18 -12.38
N SER B 181 9.95 25.40 -12.30
CA SER B 181 10.69 26.59 -12.72
C SER B 181 11.69 27.06 -11.68
N GLY B 182 11.79 26.32 -10.57
CA GLY B 182 12.73 26.64 -9.49
C GLY B 182 12.27 27.76 -8.57
N GLY B 183 10.95 27.84 -8.35
CA GLY B 183 10.35 28.83 -7.46
C GLY B 183 10.81 28.75 -6.01
N PRO B 184 10.73 27.54 -5.40
CA PRO B 184 11.19 27.33 -4.02
C PRO B 184 12.52 28.02 -3.68
N GLN B 185 13.57 27.76 -4.45
CA GLN B 185 14.90 28.32 -4.17
C GLN B 185 14.91 29.85 -4.27
N ALA B 186 14.21 30.38 -5.28
CA ALA B 186 14.15 31.83 -5.52
C ALA B 186 13.46 32.57 -4.39
N LEU B 187 12.35 32.00 -3.91
CA LEU B 187 11.56 32.58 -2.83
C LEU B 187 12.29 32.50 -1.48
N VAL B 188 12.94 31.37 -1.22
CA VAL B 188 13.78 31.22 -0.02
C VAL B 188 14.94 32.22 -0.07
N ASN B 189 15.52 32.42 -1.26
CA ASN B 189 16.56 33.43 -1.45
C ASN B 189 16.10 34.84 -1.09
N ILE B 190 14.89 35.21 -1.49
CA ILE B 190 14.28 36.48 -1.09
C ILE B 190 14.13 36.56 0.43
N MET B 191 13.62 35.48 1.02
CA MET B 191 13.42 35.42 2.48
C MET B 191 14.68 35.67 3.30
N ARG B 192 15.86 35.43 2.74
CA ARG B 192 17.09 35.64 3.52
C ARG B 192 18.02 36.76 3.01
N THR B 193 17.56 37.51 2.01
CA THR B 193 18.34 38.59 1.42
C THR B 193 17.78 39.97 1.81
N TYR B 194 16.46 40.10 1.85
CA TYR B 194 15.82 41.39 1.98
C TYR B 194 15.15 41.61 3.34
N THR B 195 14.99 42.87 3.72
CA THR B 195 14.38 43.25 5.00
C THR B 195 13.05 44.00 4.81
N TYR B 196 12.68 44.25 3.54
CA TYR B 196 11.44 44.97 3.23
C TYR B 196 10.24 44.13 3.61
N GLU B 197 9.49 44.62 4.60
CA GLU B 197 8.39 43.88 5.20
C GLU B 197 7.38 43.33 4.19
N LYS B 198 6.82 44.22 3.37
CA LYS B 198 5.74 43.81 2.45
C LYS B 198 6.17 42.74 1.46
N LEU B 199 7.43 42.82 1.00
CA LEU B 199 7.98 41.78 0.14
C LEU B 199 8.08 40.46 0.89
N LEU B 200 8.67 40.49 2.08
CA LEU B 200 8.79 39.30 2.93
C LEU B 200 7.42 38.72 3.28
N TRP B 201 6.43 39.58 3.50
CA TRP B 201 5.07 39.13 3.77
C TRP B 201 4.47 38.39 2.60
N THR B 202 4.49 38.99 1.41
CA THR B 202 3.90 38.37 0.22
C THR B 202 4.64 37.09 -0.17
N THR B 203 5.98 37.11 0.00
CA THR B 203 6.82 35.96 -0.29
C THR B 203 6.51 34.80 0.66
N SER B 204 6.24 35.12 1.93
CA SER B 204 5.86 34.07 2.87
C SER B 204 4.45 33.55 2.60
N ARG B 205 3.62 34.36 1.94
CA ARG B 205 2.27 33.93 1.54
C ARG B 205 2.32 32.95 0.38
N VAL B 206 3.23 33.17 -0.56
CA VAL B 206 3.48 32.21 -1.64
C VAL B 206 3.98 30.89 -1.05
N LEU B 207 4.99 30.97 -0.19
CA LEU B 207 5.55 29.79 0.46
C LEU B 207 4.53 29.00 1.28
N LYS B 208 3.62 29.70 1.95
CA LYS B 208 2.53 29.04 2.70
C LYS B 208 1.65 28.20 1.78
N VAL B 209 1.24 28.81 0.66
CA VAL B 209 0.43 28.16 -0.37
C VAL B 209 1.17 26.94 -0.94
N LEU B 210 2.46 27.09 -1.18
CA LEU B 210 3.27 25.98 -1.70
C LEU B 210 3.56 24.89 -0.66
N SER B 211 3.56 25.27 0.62
CA SER B 211 3.93 24.32 1.68
C SER B 211 2.93 23.19 1.93
N VAL B 212 1.71 23.33 1.40
CA VAL B 212 0.68 22.28 1.50
C VAL B 212 0.72 21.27 0.34
N CYS B 213 1.67 21.48 -0.56
CA CYS B 213 1.92 20.59 -1.68
C CYS B 213 3.04 19.61 -1.35
N SER B 214 2.78 18.31 -1.53
CA SER B 214 3.73 17.26 -1.14
C SER B 214 5.02 17.27 -1.95
N SER B 215 5.00 17.99 -3.08
CA SER B 215 6.16 18.11 -3.97
C SER B 215 7.00 19.35 -3.67
N ASN B 216 6.34 20.46 -3.34
CA ASN B 216 7.02 21.70 -2.99
C ASN B 216 7.64 21.65 -1.60
N LYS B 217 7.02 20.88 -0.71
CA LYS B 217 7.46 20.73 0.68
C LYS B 217 8.94 20.35 0.84
N PRO B 218 9.38 19.20 0.26
CA PRO B 218 10.79 18.81 0.40
C PRO B 218 11.73 19.82 -0.25
N ALA B 219 11.30 20.41 -1.37
CA ALA B 219 12.09 21.40 -2.10
C ALA B 219 12.33 22.69 -1.29
N ILE B 220 11.27 23.20 -0.67
CA ILE B 220 11.36 24.41 0.17
C ILE B 220 12.22 24.14 1.40
N VAL B 221 12.12 22.93 1.96
CA VAL B 221 12.98 22.52 3.06
C VAL B 221 14.43 22.39 2.60
N GLU B 222 14.62 21.71 1.45
CA GLU B 222 15.97 21.45 0.94
C GLU B 222 16.67 22.70 0.41
N ALA B 223 15.93 23.80 0.32
CA ALA B 223 16.46 25.09 -0.14
C ALA B 223 16.90 25.95 1.04
N GLY B 224 16.53 25.52 2.25
CA GLY B 224 16.85 26.25 3.46
C GLY B 224 15.70 27.10 3.94
N GLY B 225 14.48 26.66 3.62
CA GLY B 225 13.25 27.35 4.03
C GLY B 225 13.09 27.48 5.53
N MET B 226 13.35 26.40 6.26
CA MET B 226 13.22 26.38 7.72
C MET B 226 14.04 27.49 8.37
N GLN B 227 15.32 27.56 7.98
CA GLN B 227 16.25 28.52 8.54
C GLN B 227 15.91 29.94 8.09
N ALA B 228 15.52 30.06 6.82
CA ALA B 228 15.16 31.35 6.22
C ALA B 228 13.93 31.98 6.85
N LEU B 229 12.91 31.16 7.10
CA LEU B 229 11.68 31.66 7.69
C LEU B 229 11.87 31.92 9.19
N GLY B 230 12.89 31.29 9.77
CA GLY B 230 13.22 31.45 11.20
C GLY B 230 13.78 32.83 11.50
N LEU B 231 14.50 33.37 10.51
CA LEU B 231 15.05 34.73 10.56
C LEU B 231 14.05 35.83 10.95
N HIS B 232 12.77 35.64 10.62
CA HIS B 232 11.77 36.71 10.75
C HIS B 232 10.75 36.51 11.83
N LEU B 233 11.00 35.57 12.74
CA LEU B 233 10.05 35.28 13.81
C LEU B 233 10.01 36.35 14.91
N THR B 234 11.06 37.19 14.97
CA THR B 234 11.13 38.27 15.97
C THR B 234 10.83 39.65 15.38
N ASP B 235 10.35 39.66 14.13
CA ASP B 235 9.97 40.90 13.45
C ASP B 235 8.82 41.59 14.16
N PRO B 236 8.86 42.94 14.23
CA PRO B 236 7.74 43.74 14.75
C PRO B 236 6.39 43.47 14.07
N SER B 237 6.41 43.15 12.77
CA SER B 237 5.17 42.87 12.03
C SER B 237 4.55 41.53 12.43
N GLN B 238 3.29 41.58 12.86
CA GLN B 238 2.58 40.42 13.36
C GLN B 238 2.17 39.44 12.25
N ARG B 239 1.73 39.98 11.12
CA ARG B 239 1.26 39.19 9.99
C ARG B 239 2.39 38.39 9.30
N LEU B 240 3.60 38.95 9.28
CA LEU B 240 4.76 38.26 8.71
C LEU B 240 5.18 37.08 9.58
N VAL B 241 5.20 37.30 10.90
CA VAL B 241 5.53 36.24 11.86
C VAL B 241 4.56 35.07 11.77
N GLN B 242 3.26 35.36 11.75
CA GLN B 242 2.24 34.32 11.68
C GLN B 242 2.31 33.51 10.38
N ASN B 243 2.54 34.18 9.25
CA ASN B 243 2.70 33.50 7.97
C ASN B 243 3.94 32.61 7.93
N CYS B 244 5.02 33.10 8.53
CA CYS B 244 6.22 32.30 8.69
C CYS B 244 5.94 31.09 9.57
N LEU B 245 5.26 31.30 10.69
CA LEU B 245 4.86 30.21 11.59
C LEU B 245 4.03 29.12 10.91
N TRP B 246 2.94 29.53 10.27
CA TRP B 246 2.06 28.60 9.55
C TRP B 246 2.79 27.78 8.52
N THR B 247 3.65 28.45 7.75
CA THR B 247 4.46 27.79 6.71
C THR B 247 5.43 26.79 7.34
N LEU B 248 6.08 27.22 8.41
CA LEU B 248 6.99 26.36 9.18
C LEU B 248 6.29 25.15 9.74
N ARG B 249 5.03 25.31 10.16
CA ARG B 249 4.26 24.19 10.69
C ARG B 249 4.01 23.15 9.60
N ASN B 250 3.62 23.62 8.41
CA ASN B 250 3.39 22.75 7.26
C ASN B 250 4.62 21.95 6.84
N LEU B 251 5.79 22.59 6.94
CA LEU B 251 7.04 22.00 6.44
C LEU B 251 7.74 21.10 7.45
N SER B 252 7.50 21.35 8.73
CA SER B 252 8.29 20.78 9.83
C SER B 252 8.41 19.26 9.88
N ASP B 253 7.45 18.54 9.29
CA ASP B 253 7.52 17.08 9.25
C ASP B 253 8.55 16.53 8.26
N ALA B 254 8.93 17.36 7.29
CA ALA B 254 9.87 16.99 6.24
C ALA B 254 11.23 17.67 6.43
N ALA B 255 11.45 18.22 7.63
CA ALA B 255 12.66 18.98 7.94
C ALA B 255 13.53 18.30 8.99
N THR B 256 13.48 16.96 9.00
CA THR B 256 14.08 16.13 10.06
C THR B 256 15.61 16.08 9.99
N LYS B 257 16.15 16.25 8.79
CA LYS B 257 17.58 16.04 8.54
C LYS B 257 18.31 17.36 8.30
N GLN B 258 17.77 18.46 8.83
CA GLN B 258 18.34 19.79 8.64
C GLN B 258 19.24 20.17 9.79
N GLU B 259 20.34 20.84 9.48
CA GLU B 259 21.22 21.42 10.50
C GLU B 259 21.22 22.94 10.41
N GLY B 260 21.97 23.60 11.29
CA GLY B 260 21.92 25.05 11.42
C GLY B 260 20.52 25.50 11.86
N MET B 261 19.93 24.72 12.76
CA MET B 261 18.58 24.95 13.25
C MET B 261 18.56 25.60 14.62
N GLU B 262 19.75 25.74 15.22
CA GLU B 262 19.89 26.25 16.58
C GLU B 262 19.13 27.55 16.81
N GLY B 263 19.39 28.54 15.95
CA GLY B 263 18.72 29.84 16.02
C GLY B 263 17.21 29.74 15.99
N LEU B 264 16.69 28.92 15.08
CA LEU B 264 15.25 28.70 14.93
C LEU B 264 14.62 28.04 16.16
N LEU B 265 15.27 27.01 16.70
CA LEU B 265 14.77 26.28 17.87
C LEU B 265 14.66 27.19 19.11
N GLY B 266 15.72 27.97 19.37
CA GLY B 266 15.75 28.92 20.48
C GLY B 266 14.63 29.93 20.44
N THR B 267 14.29 30.40 19.23
CA THR B 267 13.20 31.36 19.02
C THR B 267 11.83 30.74 19.28
N LEU B 268 11.65 29.50 18.81
CA LEU B 268 10.40 28.76 19.01
C LEU B 268 10.11 28.50 20.49
N VAL B 269 11.16 28.24 21.28
CA VAL B 269 11.02 28.08 22.72
C VAL B 269 10.58 29.39 23.37
N GLN B 270 11.22 30.50 22.99
CA GLN B 270 10.84 31.84 23.45
C GLN B 270 9.38 32.17 23.09
N LEU B 271 8.93 31.75 21.91
CA LEU B 271 7.57 32.06 21.44
C LEU B 271 6.49 31.30 22.20
N LEU B 272 6.88 30.29 22.98
CA LEU B 272 5.92 29.53 23.78
C LEU B 272 5.27 30.35 24.89
N GLY B 273 5.96 31.40 25.33
CA GLY B 273 5.45 32.29 26.38
C GLY B 273 4.69 33.49 25.85
N SER B 274 4.40 33.49 24.55
CA SER B 274 3.64 34.55 23.89
C SER B 274 2.19 34.60 24.38
N ASP B 275 1.60 35.79 24.35
CA ASP B 275 0.20 35.98 24.72
C ASP B 275 -0.75 35.56 23.60
N ASP B 276 -0.21 35.38 22.40
CA ASP B 276 -0.97 35.00 21.23
C ASP B 276 -1.13 33.48 21.16
N ILE B 277 -2.37 33.01 21.29
CA ILE B 277 -2.71 31.58 21.25
C ILE B 277 -2.21 30.93 19.96
N ASN B 278 -2.40 31.61 18.83
CA ASN B 278 -1.91 31.15 17.53
C ASN B 278 -0.41 30.97 17.49
N VAL B 279 0.33 31.96 18.00
CA VAL B 279 1.79 31.89 18.04
C VAL B 279 2.24 30.70 18.88
N VAL B 280 1.60 30.53 20.04
CA VAL B 280 1.86 29.42 20.95
C VAL B 280 1.58 28.07 20.28
N THR B 281 0.42 27.94 19.66
CA THR B 281 0.00 26.69 19.03
C THR B 281 1.01 26.21 17.98
N CYS B 282 1.36 27.11 17.06
CA CYS B 282 2.32 26.82 15.99
C CYS B 282 3.69 26.44 16.54
N ALA B 283 4.22 27.25 17.44
CA ALA B 283 5.53 26.99 18.07
C ALA B 283 5.58 25.58 18.63
N ALA B 284 4.56 25.20 19.38
CA ALA B 284 4.47 23.87 19.97
C ALA B 284 4.47 22.78 18.90
N GLY B 285 3.67 22.99 17.85
CA GLY B 285 3.57 22.03 16.75
C GLY B 285 4.87 21.83 15.99
N ILE B 286 5.52 22.93 15.65
CA ILE B 286 6.82 22.92 14.97
C ILE B 286 7.88 22.24 15.84
N LEU B 287 7.95 22.63 17.11
CA LEU B 287 8.88 22.01 18.06
C LEU B 287 8.61 20.51 18.19
N SER B 288 7.34 20.14 18.23
CA SER B 288 6.94 18.72 18.25
C SER B 288 7.53 17.95 17.07
N ASN B 289 7.28 18.44 15.85
CA ASN B 289 7.78 17.83 14.62
C ASN B 289 9.31 17.79 14.51
N LEU B 290 9.96 18.88 14.93
CA LEU B 290 11.40 19.02 14.78
C LEU B 290 12.21 18.18 15.76
N THR B 291 11.60 17.82 16.89
CA THR B 291 12.27 17.01 17.89
C THR B 291 12.01 15.52 17.66
N CYS B 292 11.08 15.19 16.77
CA CYS B 292 10.76 13.80 16.47
C CYS B 292 11.91 13.12 15.77
N ASN B 293 12.52 12.14 16.46
CA ASN B 293 13.68 11.41 15.98
C ASN B 293 14.79 12.29 15.40
N ASN B 294 15.21 13.27 16.20
CA ASN B 294 16.40 14.07 15.94
C ASN B 294 17.03 14.44 17.29
N TYR B 295 17.98 13.63 17.72
CA TYR B 295 18.57 13.80 19.05
C TYR B 295 19.27 15.14 19.23
N LYS B 296 19.86 15.65 18.15
CA LYS B 296 20.53 16.97 18.16
C LYS B 296 19.56 18.10 18.50
N ASN B 297 18.41 18.12 17.83
CA ASN B 297 17.36 19.10 18.12
C ASN B 297 16.83 18.97 19.55
N LYS B 298 16.70 17.73 20.02
CA LYS B 298 16.27 17.45 21.37
C LYS B 298 17.21 18.06 22.40
N MET B 299 18.52 17.95 22.14
CA MET B 299 19.55 18.58 22.98
C MET B 299 19.43 20.10 23.01
N MET B 300 19.34 20.72 21.84
CA MET B 300 19.29 22.18 21.71
C MET B 300 18.06 22.79 22.40
N VAL B 301 16.91 22.14 22.23
CA VAL B 301 15.67 22.60 22.86
C VAL B 301 15.76 22.49 24.38
N CYS B 302 16.38 21.42 24.87
CA CYS B 302 16.58 21.23 26.31
C CYS B 302 17.55 22.25 26.91
N GLN B 303 18.57 22.62 26.16
CA GLN B 303 19.60 23.59 26.60
C GLN B 303 19.05 24.99 26.83
N VAL B 304 18.05 25.37 26.03
CA VAL B 304 17.44 26.70 26.14
C VAL B 304 16.17 26.70 27.00
N GLY B 305 15.96 25.64 27.77
CA GLY B 305 14.84 25.56 28.71
C GLY B 305 13.52 25.23 28.05
N GLY B 306 13.55 24.32 27.08
CA GLY B 306 12.37 23.87 26.38
C GLY B 306 11.38 23.13 27.27
N ILE B 307 11.91 22.25 28.12
CA ILE B 307 11.11 21.48 29.08
C ILE B 307 10.27 22.40 29.96
N GLU B 308 10.93 23.31 30.68
CA GLU B 308 10.23 24.24 31.56
C GLU B 308 9.19 25.08 30.81
N ALA B 309 9.54 25.57 29.62
CA ALA B 309 8.61 26.33 28.79
C ALA B 309 7.40 25.51 28.33
N LEU B 310 7.66 24.27 27.92
CA LEU B 310 6.60 23.39 27.44
C LEU B 310 5.65 22.96 28.54
N VAL B 311 6.19 22.75 29.75
CA VAL B 311 5.37 22.45 30.92
C VAL B 311 4.43 23.61 31.21
N ARG B 312 4.98 24.82 31.29
CA ARG B 312 4.19 26.04 31.48
C ARG B 312 3.09 26.13 30.42
N THR B 313 3.46 25.90 29.16
CA THR B 313 2.50 25.91 28.06
C THR B 313 1.32 24.98 28.34
N VAL B 314 1.61 23.74 28.77
CA VAL B 314 0.57 22.78 29.10
C VAL B 314 -0.32 23.27 30.26
N LEU B 315 0.33 23.86 31.27
CA LEU B 315 -0.38 24.44 32.42
C LEU B 315 -1.31 25.59 32.01
N ARG B 316 -0.77 26.55 31.27
CA ARG B 316 -1.55 27.68 30.75
C ARG B 316 -2.68 27.27 29.79
N ALA B 317 -2.48 26.18 29.07
CA ALA B 317 -3.42 25.74 28.04
C ALA B 317 -4.72 25.16 28.58
N GLY B 318 -4.64 24.57 29.77
CA GLY B 318 -5.81 23.96 30.42
C GLY B 318 -6.35 22.78 29.66
N ASP B 319 -7.57 22.93 29.13
CA ASP B 319 -8.22 21.87 28.37
C ASP B 319 -8.30 22.12 26.88
N ARG B 320 -7.65 23.19 26.41
CA ARG B 320 -7.48 23.42 24.97
C ARG B 320 -6.51 22.39 24.41
N GLU B 321 -7.08 21.37 23.76
CA GLU B 321 -6.31 20.22 23.30
C GLU B 321 -5.43 20.50 22.07
N ASP B 322 -5.82 21.51 21.28
CA ASP B 322 -4.99 21.94 20.15
C ASP B 322 -3.62 22.48 20.57
N ILE B 323 -3.49 22.85 21.85
CA ILE B 323 -2.23 23.33 22.40
C ILE B 323 -1.48 22.24 23.16
N THR B 324 -2.18 21.53 24.04
CA THR B 324 -1.55 20.55 24.92
C THR B 324 -0.97 19.36 24.18
N GLU B 325 -1.72 18.88 23.19
CA GLU B 325 -1.34 17.67 22.44
C GLU B 325 0.05 17.79 21.78
N PRO B 326 0.29 18.83 20.97
CA PRO B 326 1.65 18.98 20.42
C PRO B 326 2.71 19.32 21.48
N ALA B 327 2.30 19.97 22.57
CA ALA B 327 3.23 20.29 23.66
C ALA B 327 3.62 19.04 24.46
N ILE B 328 2.65 18.17 24.71
CA ILE B 328 2.88 16.86 25.34
C ILE B 328 3.71 15.97 24.42
N CYS B 329 3.37 15.98 23.12
CA CYS B 329 4.17 15.27 22.10
C CYS B 329 5.63 15.70 22.12
N ALA B 330 5.88 17.00 22.16
CA ALA B 330 7.22 17.55 22.25
C ALA B 330 7.91 17.09 23.53
N LEU B 331 7.19 17.19 24.64
CA LEU B 331 7.71 16.72 25.93
C LEU B 331 8.02 15.23 25.91
N ARG B 332 7.22 14.47 25.15
CA ARG B 332 7.47 13.05 24.97
C ARG B 332 8.80 12.84 24.25
N HIS B 333 9.02 13.59 23.17
CA HIS B 333 10.25 13.49 22.38
C HIS B 333 11.45 13.89 23.17
N LEU B 334 11.28 14.88 24.05
CA LEU B 334 12.40 15.45 24.81
C LEU B 334 12.83 14.60 26.01
N THR B 335 12.03 13.61 26.35
CA THR B 335 12.28 12.83 27.57
C THR B 335 12.88 11.44 27.32
N SER B 336 13.37 11.21 26.11
CA SER B 336 14.05 9.94 25.78
C SER B 336 15.03 10.07 24.62
N ARG B 337 16.02 9.17 24.62
CA ARG B 337 16.95 8.95 23.51
C ARG B 337 17.70 10.20 23.04
N HIS B 338 18.38 10.85 23.99
CA HIS B 338 19.34 11.92 23.73
C HIS B 338 20.18 12.16 24.96
N GLN B 339 21.41 12.62 24.74
CA GLN B 339 22.42 12.74 25.80
C GLN B 339 21.93 13.35 27.12
N GLU B 340 20.96 14.28 27.06
CA GLU B 340 20.42 14.90 28.27
C GLU B 340 18.94 14.54 28.54
N ALA B 341 18.59 13.28 28.27
CA ALA B 341 17.23 12.79 28.54
C ALA B 341 16.91 12.73 30.04
N GLU B 342 17.88 12.32 30.86
CA GLU B 342 17.65 12.23 32.31
C GLU B 342 17.38 13.59 32.97
N MET B 343 18.16 14.59 32.60
CA MET B 343 17.94 15.95 33.11
C MET B 343 16.53 16.43 32.76
N ALA B 344 16.09 16.11 31.55
CA ALA B 344 14.77 16.48 31.06
C ALA B 344 13.66 15.76 31.81
N GLN B 345 13.84 14.45 32.03
CA GLN B 345 12.92 13.63 32.83
C GLN B 345 12.71 14.19 34.24
N ASN B 346 13.80 14.63 34.87
CA ASN B 346 13.74 15.26 36.19
C ASN B 346 13.09 16.64 36.15
N ALA B 347 13.40 17.41 35.11
CA ALA B 347 12.94 18.80 35.00
C ALA B 347 11.41 18.93 34.95
N VAL B 348 10.75 17.98 34.30
CA VAL B 348 9.29 17.93 34.27
C VAL B 348 8.73 17.87 35.68
N ARG B 349 9.29 16.98 36.51
CA ARG B 349 8.90 16.86 37.91
C ARG B 349 9.21 18.16 38.66
N LEU B 350 10.41 18.69 38.47
CA LEU B 350 10.87 19.87 39.20
C LEU B 350 10.14 21.16 38.81
N HIS B 351 9.44 21.13 37.66
CA HIS B 351 8.66 22.28 37.22
C HIS B 351 7.17 22.05 37.31
N TYR B 352 6.77 21.27 38.32
CA TYR B 352 5.36 21.01 38.64
C TYR B 352 4.54 20.35 37.51
N GLY B 353 5.18 19.45 36.77
CA GLY B 353 4.57 18.83 35.60
C GLY B 353 3.84 17.51 35.80
N LEU B 354 4.24 16.74 36.81
CA LEU B 354 3.65 15.40 37.02
C LEU B 354 2.13 15.39 37.27
N PRO B 355 1.63 16.24 38.19
CA PRO B 355 0.17 16.30 38.42
C PRO B 355 -0.66 16.62 37.19
N VAL B 356 -0.26 17.65 36.43
CA VAL B 356 -1.00 18.04 35.22
C VAL B 356 -0.92 16.96 34.14
N VAL B 357 0.23 16.28 34.04
CA VAL B 357 0.42 15.21 33.07
C VAL B 357 -0.53 14.03 33.34
N VAL B 358 -0.53 13.55 34.59
CA VAL B 358 -1.42 12.45 35.01
C VAL B 358 -2.89 12.84 34.82
N LYS B 359 -3.19 14.10 35.11
CA LYS B 359 -4.54 14.66 34.98
C LYS B 359 -5.09 14.53 33.56
N LEU B 360 -4.20 14.68 32.57
CA LEU B 360 -4.60 14.64 31.15
C LEU B 360 -4.99 13.25 30.66
N LEU B 361 -4.87 12.25 31.54
CA LEU B 361 -5.33 10.89 31.24
C LEU B 361 -6.83 10.74 31.48
N HIS B 362 -7.42 11.69 32.20
CA HIS B 362 -8.84 11.66 32.55
C HIS B 362 -9.67 12.54 31.66
N PRO B 363 -11.00 12.31 31.60
CA PRO B 363 -11.95 13.21 30.97
C PRO B 363 -11.69 14.68 31.34
N PRO B 364 -11.90 15.63 30.40
CA PRO B 364 -12.51 15.47 29.08
C PRO B 364 -11.51 15.22 27.95
N SER B 365 -10.31 14.77 28.27
CA SER B 365 -9.29 14.49 27.26
C SER B 365 -9.81 13.54 26.19
N HIS B 366 -9.47 13.83 24.94
CA HIS B 366 -9.77 12.95 23.82
C HIS B 366 -8.59 12.07 23.53
N TRP B 367 -8.79 11.06 22.70
CA TRP B 367 -7.79 10.00 22.45
C TRP B 367 -6.42 10.43 22.00
N PRO B 368 -6.32 11.39 21.05
CA PRO B 368 -4.97 11.74 20.60
C PRO B 368 -4.09 12.25 21.74
N LEU B 369 -4.67 13.09 22.60
CA LEU B 369 -3.96 13.67 23.73
C LEU B 369 -3.61 12.60 24.77
N ILE B 370 -4.53 11.66 25.00
CA ILE B 370 -4.32 10.57 25.94
C ILE B 370 -3.17 9.68 25.47
N LYS B 371 -3.18 9.35 24.19
CA LYS B 371 -2.12 8.58 23.55
C LYS B 371 -0.75 9.22 23.78
N ALA B 372 -0.68 10.53 23.54
CA ALA B 372 0.55 11.28 23.70
C ALA B 372 1.00 11.32 25.17
N THR B 373 0.04 11.52 26.06
CA THR B 373 0.29 11.57 27.50
C THR B 373 0.80 10.23 28.04
N VAL B 374 0.20 9.14 27.57
CA VAL B 374 0.64 7.80 27.95
C VAL B 374 2.12 7.60 27.59
N GLY B 375 2.48 7.95 26.35
CA GLY B 375 3.86 7.89 25.87
C GLY B 375 4.82 8.73 26.70
N LEU B 376 4.35 9.89 27.15
CA LEU B 376 5.17 10.78 27.98
C LEU B 376 5.45 10.17 29.36
N ILE B 377 4.41 9.62 29.99
CA ILE B 377 4.55 8.97 31.30
C ILE B 377 5.55 7.83 31.22
N ARG B 378 5.50 7.08 30.12
CA ARG B 378 6.43 6.00 29.84
C ARG B 378 7.90 6.46 29.96
N ASN B 379 8.22 7.56 29.27
CA ASN B 379 9.58 8.10 29.32
C ASN B 379 9.93 8.68 30.67
N LEU B 380 8.97 9.37 31.29
CA LEU B 380 9.17 9.95 32.61
C LEU B 380 9.51 8.89 33.64
N ALA B 381 8.93 7.70 33.46
CA ALA B 381 9.17 6.57 34.33
C ALA B 381 10.55 5.92 34.17
N LEU B 382 11.30 6.29 33.13
CA LEU B 382 12.67 5.80 32.95
C LEU B 382 13.61 6.36 34.03
N CYS B 383 13.18 7.45 34.65
CA CYS B 383 13.93 8.08 35.73
C CYS B 383 13.45 7.60 37.11
N PRO B 384 14.33 6.95 37.88
CA PRO B 384 14.01 6.39 39.20
C PRO B 384 13.38 7.41 40.16
N ALA B 385 13.76 8.69 40.03
CA ALA B 385 13.24 9.74 40.90
C ALA B 385 11.78 10.12 40.58
N ASN B 386 11.25 9.57 39.50
CA ASN B 386 9.85 9.78 39.12
C ASN B 386 8.94 8.62 39.51
N HIS B 387 9.54 7.52 39.95
CA HIS B 387 8.79 6.30 40.29
C HIS B 387 7.73 6.55 41.33
N ALA B 388 8.14 7.07 42.48
CA ALA B 388 7.22 7.37 43.58
C ALA B 388 6.25 8.51 43.26
N PRO B 389 6.75 9.68 42.80
CA PRO B 389 5.82 10.76 42.46
C PRO B 389 4.70 10.38 41.47
N LEU B 390 5.02 9.59 40.46
CA LEU B 390 4.01 9.15 39.48
C LEU B 390 2.97 8.22 40.13
N ARG B 391 3.43 7.36 41.02
CA ARG B 391 2.53 6.50 41.80
C ARG B 391 1.62 7.35 42.69
N GLU B 392 2.22 8.33 43.35
CA GLU B 392 1.52 9.20 44.29
C GLU B 392 0.51 10.12 43.61
N GLN B 393 0.71 10.37 42.32
CA GLN B 393 -0.22 11.19 41.55
C GLN B 393 -1.34 10.35 40.92
N GLY B 394 -1.25 9.03 41.08
CA GLY B 394 -2.31 8.11 40.66
C GLY B 394 -2.20 7.59 39.24
N ALA B 395 -0.99 7.58 38.69
CA ALA B 395 -0.76 7.15 37.31
C ALA B 395 -1.17 5.70 37.03
N ILE B 396 -0.90 4.80 37.98
CA ILE B 396 -1.08 3.36 37.73
C ILE B 396 -2.55 2.93 37.51
N PRO B 397 -3.43 3.13 38.52
CA PRO B 397 -4.84 2.71 38.36
C PRO B 397 -5.52 3.26 37.11
N ARG B 398 -5.19 4.48 36.70
CA ARG B 398 -5.75 5.04 35.47
C ARG B 398 -5.20 4.35 34.21
N LEU B 399 -3.88 4.14 34.16
CA LEU B 399 -3.28 3.43 33.01
C LEU B 399 -3.89 2.04 32.86
N VAL B 400 -4.09 1.35 33.98
CA VAL B 400 -4.72 0.02 34.01
C VAL B 400 -6.16 0.10 33.52
N GLN B 401 -6.88 1.13 33.94
CA GLN B 401 -8.27 1.34 33.51
C GLN B 401 -8.39 1.63 32.02
N LEU B 402 -7.48 2.46 31.51
CA LEU B 402 -7.42 2.72 30.07
C LEU B 402 -7.09 1.46 29.31
N LEU B 403 -6.18 0.64 29.85
CA LEU B 403 -5.80 -0.63 29.24
C LEU B 403 -6.96 -1.62 29.18
N VAL B 404 -7.59 -1.90 30.33
CA VAL B 404 -8.70 -2.85 30.43
C VAL B 404 -9.83 -2.50 29.45
N ARG B 405 -10.18 -1.22 29.38
CA ARG B 405 -11.27 -0.77 28.52
C ARG B 405 -10.88 -0.83 27.04
N ALA B 406 -9.62 -0.49 26.75
CA ALA B 406 -9.11 -0.53 25.38
C ALA B 406 -9.05 -1.96 24.86
N HIS B 407 -8.63 -2.89 25.74
CA HIS B 407 -8.55 -4.31 25.40
C HIS B 407 -9.90 -4.89 25.08
N GLN B 408 -10.90 -4.56 25.90
CA GLN B 408 -12.28 -4.99 25.65
C GLN B 408 -12.78 -4.51 24.29
N ASP B 409 -12.41 -3.28 23.92
CA ASP B 409 -12.78 -2.68 22.64
C ASP B 409 -12.04 -3.29 21.47
N THR B 410 -10.94 -3.98 21.74
CA THR B 410 -10.19 -4.71 20.71
C THR B 410 -10.92 -6.00 20.35
N GLN B 411 -11.57 -6.62 21.34
CA GLN B 411 -12.25 -7.90 21.17
C GLN B 411 -13.61 -7.76 20.49
N ARG B 412 -14.32 -6.68 20.79
CA ARG B 412 -15.65 -6.42 20.23
C ARG B 412 -15.59 -6.22 18.72
N ARG B 413 -16.00 -7.25 17.97
CA ARG B 413 -15.98 -7.22 16.51
C ARG B 413 -17.36 -6.89 15.94
N GLY B 426 -8.95 8.14 13.49
CA GLY B 426 -8.08 8.71 14.52
C GLY B 426 -7.23 7.65 15.22
N VAL B 427 -7.54 7.40 16.49
CA VAL B 427 -6.78 6.48 17.32
C VAL B 427 -7.47 5.12 17.44
N ARG B 428 -6.73 4.07 17.09
CA ARG B 428 -7.17 2.68 17.27
C ARG B 428 -6.79 2.23 18.68
N MET B 429 -7.69 1.47 19.32
CA MET B 429 -7.51 1.07 20.72
C MET B 429 -6.29 0.19 20.99
N GLU B 430 -5.78 -0.45 19.93
CA GLU B 430 -4.57 -1.26 20.03
C GLU B 430 -3.37 -0.41 20.42
N GLU B 431 -3.35 0.84 19.93
CA GLU B 431 -2.31 1.80 20.26
C GLU B 431 -2.38 2.17 21.74
N ILE B 432 -3.59 2.24 22.28
CA ILE B 432 -3.81 2.52 23.70
C ILE B 432 -3.39 1.31 24.54
N VAL B 433 -3.73 0.11 24.08
CA VAL B 433 -3.33 -1.13 24.74
C VAL B 433 -1.81 -1.25 24.80
N GLU B 434 -1.15 -1.00 23.66
CA GLU B 434 0.31 -1.05 23.56
C GLU B 434 0.96 0.03 24.42
N GLY B 435 0.41 1.24 24.34
CA GLY B 435 0.93 2.38 25.07
C GLY B 435 0.92 2.18 26.58
N CYS B 436 -0.25 1.83 27.11
CA CYS B 436 -0.42 1.66 28.56
C CYS B 436 0.41 0.52 29.14
N THR B 437 0.40 -0.64 28.47
CA THR B 437 1.20 -1.78 28.93
C THR B 437 2.67 -1.42 28.89
N GLY B 438 3.07 -0.66 27.88
CA GLY B 438 4.43 -0.14 27.77
C GLY B 438 4.76 0.77 28.94
N ALA B 439 3.86 1.68 29.26
CA ALA B 439 4.04 2.59 30.40
C ALA B 439 4.12 1.82 31.71
N LEU B 440 3.31 0.77 31.83
CA LEU B 440 3.28 -0.07 33.01
C LEU B 440 4.54 -0.92 33.14
N HIS B 441 5.11 -1.30 31.99
CA HIS B 441 6.36 -2.05 31.93
C HIS B 441 7.49 -1.29 32.60
N ILE B 442 7.57 0.01 32.32
CA ILE B 442 8.63 0.84 32.86
C ILE B 442 8.42 1.14 34.34
N LEU B 443 7.18 1.47 34.71
CA LEU B 443 6.83 1.69 36.12
C LEU B 443 7.15 0.48 37.00
N ALA B 444 6.97 -0.72 36.45
CA ALA B 444 7.16 -1.96 37.21
C ALA B 444 8.64 -2.24 37.58
N ARG B 445 9.53 -1.30 37.26
CA ARG B 445 10.92 -1.38 37.70
C ARG B 445 11.03 -1.16 39.21
N ASP B 446 10.11 -0.35 39.74
CA ASP B 446 10.06 -0.04 41.16
C ASP B 446 9.22 -1.09 41.90
N VAL B 447 9.69 -1.51 43.08
CA VAL B 447 9.03 -2.58 43.84
C VAL B 447 7.60 -2.23 44.32
N HIS B 448 7.42 -0.99 44.79
CA HIS B 448 6.11 -0.55 45.28
C HIS B 448 5.08 -0.39 44.17
N ASN B 449 5.56 -0.03 42.98
CA ASN B 449 4.71 0.01 41.79
C ASN B 449 4.21 -1.38 41.43
N ARG B 450 5.09 -2.37 41.55
CA ARG B 450 4.74 -3.77 41.28
C ARG B 450 3.61 -4.25 42.20
N ILE B 451 3.70 -3.88 43.48
CA ILE B 451 2.67 -4.23 44.45
C ILE B 451 1.30 -3.66 44.05
N VAL B 452 1.28 -2.38 43.68
CA VAL B 452 0.06 -1.73 43.19
C VAL B 452 -0.47 -2.40 41.92
N ILE B 453 0.41 -2.59 40.92
CA ILE B 453 0.04 -3.23 39.66
C ILE B 453 -0.52 -4.64 39.90
N ARG B 454 0.15 -5.39 40.78
CA ARG B 454 -0.27 -6.73 41.18
C ARG B 454 -1.64 -6.71 41.87
N GLY B 455 -1.85 -5.74 42.75
CA GLY B 455 -3.07 -5.62 43.53
C GLY B 455 -4.31 -5.27 42.73
N LEU B 456 -4.11 -4.77 41.51
CA LEU B 456 -5.21 -4.39 40.61
C LEU B 456 -5.65 -5.55 39.72
N ASN B 457 -5.24 -6.76 40.08
CA ASN B 457 -5.61 -8.00 39.38
C ASN B 457 -5.33 -7.94 37.87
N THR B 458 -4.11 -7.56 37.53
CA THR B 458 -3.74 -7.27 36.14
C THR B 458 -3.14 -8.46 35.40
N ILE B 459 -2.55 -9.39 36.14
CA ILE B 459 -1.86 -10.55 35.55
C ILE B 459 -2.71 -11.34 34.52
N PRO B 460 -3.97 -11.70 34.85
CA PRO B 460 -4.78 -12.38 33.82
C PRO B 460 -4.87 -11.61 32.50
N LEU B 461 -4.98 -10.29 32.58
CA LEU B 461 -5.01 -9.45 31.39
C LEU B 461 -3.68 -9.45 30.62
N PHE B 462 -2.56 -9.33 31.33
CA PHE B 462 -1.24 -9.35 30.72
C PHE B 462 -0.95 -10.65 29.99
N VAL B 463 -1.41 -11.75 30.57
CA VAL B 463 -1.26 -13.09 30.00
C VAL B 463 -2.09 -13.22 28.71
N GLN B 464 -3.32 -12.73 28.76
CA GLN B 464 -4.18 -12.64 27.57
C GLN B 464 -3.52 -11.88 26.42
N LEU B 465 -2.73 -10.86 26.77
CA LEU B 465 -2.09 -9.98 25.79
C LEU B 465 -0.94 -10.66 25.05
N LEU B 466 -0.47 -11.80 25.56
CA LEU B 466 0.56 -12.58 24.90
C LEU B 466 -0.01 -13.25 23.65
N TYR B 467 -1.34 -13.32 23.58
CA TYR B 467 -2.06 -13.91 22.44
C TYR B 467 -2.41 -12.87 21.38
N SER B 468 -2.05 -11.61 21.62
CA SER B 468 -2.33 -10.53 20.68
C SER B 468 -1.59 -10.74 19.34
N PRO B 469 -2.24 -10.36 18.21
CA PRO B 469 -1.60 -10.48 16.89
C PRO B 469 -0.43 -9.52 16.69
N ILE B 470 -0.41 -8.42 17.45
CA ILE B 470 0.60 -7.38 17.32
C ILE B 470 1.80 -7.66 18.24
N GLU B 471 2.98 -7.70 17.63
CA GLU B 471 4.22 -8.02 18.33
C GLU B 471 4.59 -6.98 19.39
N ASN B 472 4.28 -5.71 19.09
CA ASN B 472 4.54 -4.62 20.02
C ASN B 472 3.74 -4.76 21.31
N ILE B 473 2.54 -5.34 21.21
CA ILE B 473 1.74 -5.65 22.39
C ILE B 473 2.34 -6.85 23.13
N GLN B 474 2.70 -7.89 22.38
CA GLN B 474 3.35 -9.08 22.94
C GLN B 474 4.60 -8.70 23.72
N ARG B 475 5.40 -7.79 23.15
CA ARG B 475 6.69 -7.41 23.71
C ARG B 475 6.55 -6.69 25.05
N VAL B 476 5.67 -5.70 25.11
CA VAL B 476 5.44 -4.96 26.35
C VAL B 476 4.69 -5.79 27.40
N ALA B 477 3.87 -6.73 26.93
CA ALA B 477 3.13 -7.64 27.81
C ALA B 477 4.06 -8.66 28.46
N ALA B 478 5.00 -9.18 27.67
CA ALA B 478 6.02 -10.08 28.19
C ALA B 478 7.01 -9.30 29.05
N GLY B 479 7.20 -8.02 28.71
CA GLY B 479 8.06 -7.12 29.46
C GLY B 479 7.55 -6.85 30.86
N VAL B 480 6.29 -6.44 30.96
CA VAL B 480 5.67 -6.19 32.27
C VAL B 480 5.61 -7.48 33.11
N LEU B 481 5.33 -8.62 32.46
CA LEU B 481 5.36 -9.92 33.13
C LEU B 481 6.74 -10.28 33.66
N CYS B 482 7.78 -9.99 32.87
CA CYS B 482 9.17 -10.19 33.30
C CYS B 482 9.48 -9.39 34.55
N GLU B 483 9.06 -8.13 34.59
CA GLU B 483 9.30 -7.29 35.75
C GLU B 483 8.60 -7.82 36.99
N LEU B 484 7.36 -8.25 36.84
CA LEU B 484 6.57 -8.76 37.97
C LEU B 484 7.11 -10.08 38.51
N ALA B 485 7.63 -10.92 37.62
CA ALA B 485 8.10 -12.27 37.95
C ALA B 485 9.34 -12.34 38.86
N GLN B 486 10.02 -11.21 39.06
CA GLN B 486 11.19 -11.16 39.94
C GLN B 486 10.82 -11.31 41.42
N ASP B 487 9.52 -11.24 41.72
CA ASP B 487 8.99 -11.53 43.05
C ASP B 487 8.29 -12.89 43.00
N LYS B 488 8.64 -13.77 43.94
CA LYS B 488 8.19 -15.17 43.94
C LYS B 488 6.68 -15.32 43.83
N GLU B 489 5.94 -14.52 44.59
CA GLU B 489 4.48 -14.57 44.64
C GLU B 489 3.85 -14.32 43.27
N ALA B 490 4.40 -13.36 42.53
CA ALA B 490 3.90 -13.01 41.20
C ALA B 490 4.22 -14.09 40.17
N ALA B 491 5.42 -14.66 40.27
CA ALA B 491 5.85 -15.73 39.37
C ALA B 491 4.91 -16.93 39.42
N GLU B 492 4.50 -17.28 40.65
CA GLU B 492 3.54 -18.36 40.89
C GLU B 492 2.18 -18.03 40.25
N ALA B 493 1.74 -16.79 40.38
CA ALA B 493 0.47 -16.34 39.82
C ALA B 493 0.48 -16.34 38.28
N ILE B 494 1.61 -15.94 37.70
CA ILE B 494 1.80 -15.93 36.25
C ILE B 494 1.68 -17.35 35.69
N GLU B 495 2.34 -18.30 36.35
CA GLU B 495 2.27 -19.71 35.97
C GLU B 495 0.86 -20.28 36.13
N ALA B 496 0.18 -19.86 37.20
CA ALA B 496 -1.17 -20.31 37.50
C ALA B 496 -2.17 -19.85 36.46
N GLU B 497 -1.88 -18.69 35.84
CA GLU B 497 -2.71 -18.17 34.77
C GLU B 497 -2.53 -18.93 33.46
N GLY B 498 -1.62 -19.89 33.47
CA GLY B 498 -1.34 -20.72 32.29
C GLY B 498 -0.56 -19.95 31.24
N ALA B 499 0.45 -19.22 31.69
CA ALA B 499 1.29 -18.42 30.80
C ALA B 499 2.45 -19.23 30.21
N THR B 500 2.79 -20.34 30.86
CA THR B 500 3.88 -21.21 30.42
C THR B 500 3.79 -21.59 28.95
N ALA B 501 2.58 -21.91 28.49
CA ALA B 501 2.34 -22.37 27.11
C ALA B 501 2.57 -21.30 26.03
N PRO B 502 1.83 -20.17 26.08
CA PRO B 502 2.06 -19.14 25.04
C PRO B 502 3.45 -18.51 25.11
N LEU B 503 4.07 -18.49 26.28
CA LEU B 503 5.43 -17.95 26.43
C LEU B 503 6.48 -18.82 25.74
N THR B 504 6.27 -20.13 25.78
CA THR B 504 7.13 -21.08 25.08
C THR B 504 7.00 -20.90 23.56
N GLU B 505 5.80 -20.56 23.11
CA GLU B 505 5.57 -20.17 21.71
C GLU B 505 6.39 -18.92 21.35
N LEU B 506 6.35 -17.93 22.23
CA LEU B 506 7.01 -16.64 21.99
C LEU B 506 8.53 -16.71 22.01
N LEU B 507 9.07 -17.84 22.46
CA LEU B 507 10.52 -18.10 22.40
C LEU B 507 11.05 -18.06 20.97
N HIS B 508 10.15 -18.30 20.02
CA HIS B 508 10.49 -18.37 18.61
C HIS B 508 9.68 -17.37 17.82
N SER B 509 9.77 -16.12 18.23
CA SER B 509 9.06 -15.02 17.58
C SER B 509 9.99 -14.26 16.64
N ARG B 510 9.40 -13.70 15.57
CA ARG B 510 10.11 -12.86 14.60
C ARG B 510 10.69 -11.60 15.26
N ASN B 511 10.22 -11.31 16.47
CA ASN B 511 10.64 -10.17 17.25
C ASN B 511 11.52 -10.61 18.42
N GLU B 512 12.77 -10.16 18.42
CA GLU B 512 13.77 -10.59 19.42
C GLU B 512 13.43 -10.17 20.84
N GLY B 513 12.88 -8.96 20.98
CA GLY B 513 12.48 -8.42 22.28
C GLY B 513 11.48 -9.32 22.99
N VAL B 514 10.49 -9.79 22.24
CA VAL B 514 9.49 -10.73 22.73
C VAL B 514 10.14 -12.00 23.28
N ALA B 515 11.00 -12.63 22.46
CA ALA B 515 11.65 -13.89 22.80
C ALA B 515 12.56 -13.81 24.02
N THR B 516 13.21 -12.67 24.20
CA THR B 516 14.09 -12.45 25.34
C THR B 516 13.29 -12.41 26.64
N TYR B 517 12.18 -11.65 26.61
CA TYR B 517 11.32 -11.50 27.78
C TYR B 517 10.63 -12.81 28.15
N ALA B 518 10.16 -13.54 27.14
CA ALA B 518 9.55 -14.86 27.36
C ALA B 518 10.52 -15.82 28.06
N ALA B 519 11.77 -15.83 27.59
CA ALA B 519 12.82 -16.65 28.18
C ALA B 519 13.08 -16.28 29.64
N ALA B 520 13.00 -14.98 29.93
CA ALA B 520 13.23 -14.48 31.28
C ALA B 520 12.13 -14.90 32.24
N VAL B 521 10.87 -14.83 31.77
CA VAL B 521 9.72 -15.20 32.59
C VAL B 521 9.72 -16.71 32.83
N LEU B 522 9.97 -17.47 31.76
CA LEU B 522 10.03 -18.94 31.85
C LEU B 522 11.15 -19.41 32.77
N PHE B 523 12.23 -18.62 32.84
CA PHE B 523 13.31 -18.88 33.78
C PHE B 523 12.85 -18.73 35.23
N ARG B 524 12.28 -17.56 35.54
CA ARG B 524 11.86 -17.22 36.90
C ARG B 524 10.70 -18.09 37.43
N MET B 525 10.07 -18.86 36.54
CA MET B 525 9.04 -19.81 36.92
C MET B 525 9.60 -21.21 37.23
N SER B 526 10.92 -21.37 37.11
CA SER B 526 11.54 -22.70 37.20
C SER B 526 12.59 -22.84 38.31
N GLU B 527 12.66 -21.85 39.21
CA GLU B 527 13.65 -21.86 40.30
C GLU B 527 13.33 -22.92 41.34
N ASP B 528 14.35 -23.70 41.71
CA ASP B 528 14.21 -24.77 42.71
C ASP B 528 14.99 -24.48 43.98
N LEU C 1 -61.33 -30.18 -29.49
CA LEU C 1 -62.39 -29.71 -28.55
C LEU C 1 -63.69 -29.35 -29.30
N SER C 2 -63.56 -28.63 -30.41
CA SER C 2 -64.72 -28.27 -31.23
C SER C 2 -64.94 -29.28 -32.36
N GLN C 3 -66.03 -29.10 -33.11
CA GLN C 3 -66.38 -29.96 -34.23
C GLN C 3 -65.25 -29.95 -35.27
N GLU C 4 -64.84 -28.74 -35.67
CA GLU C 4 -63.79 -28.55 -36.67
C GLU C 4 -62.38 -28.81 -36.12
N GLN C 5 -62.17 -28.55 -34.83
CA GLN C 5 -60.87 -28.76 -34.18
C GLN C 5 -60.50 -30.24 -34.03
N LEU C 6 -61.50 -31.08 -33.83
CA LEU C 6 -61.28 -32.53 -33.73
C LEU C 6 -60.99 -33.14 -35.10
N GLU C 7 -61.56 -32.55 -36.15
CA GLU C 7 -61.25 -32.93 -37.52
C GLU C 7 -59.83 -32.53 -37.89
N HIS C 8 -59.40 -31.37 -37.39
CA HIS C 8 -58.05 -30.86 -37.58
C HIS C 8 -57.04 -31.73 -36.87
N ARG C 9 -57.42 -32.26 -35.71
CA ARG C 9 -56.57 -33.13 -34.91
C ARG C 9 -56.26 -34.46 -35.58
N GLU C 10 -57.32 -35.16 -36.01
CA GLU C 10 -57.18 -36.49 -36.60
C GLU C 10 -56.52 -36.49 -37.98
N ARG C 11 -56.75 -35.42 -38.75
CA ARG C 11 -56.10 -35.25 -40.05
C ARG C 11 -54.61 -34.90 -39.90
N SER C 12 -54.26 -34.31 -38.75
CA SER C 12 -52.87 -34.00 -38.42
C SER C 12 -52.13 -35.24 -37.91
N LEU C 13 -52.83 -36.10 -37.18
CA LEU C 13 -52.28 -37.36 -36.68
C LEU C 13 -52.04 -38.37 -37.82
N GLN C 14 -52.89 -38.31 -38.84
CA GLN C 14 -52.76 -39.17 -40.02
C GLN C 14 -51.54 -38.80 -40.88
N THR C 15 -51.18 -37.52 -40.88
CA THR C 15 -50.03 -37.02 -41.63
C THR C 15 -48.71 -37.54 -41.04
N LEU C 16 -48.65 -37.64 -39.70
CA LEU C 16 -47.49 -38.22 -39.01
C LEU C 16 -47.27 -39.68 -39.40
N ARG C 17 -48.35 -40.44 -39.46
CA ARG C 17 -48.30 -41.87 -39.79
C ARG C 17 -48.06 -42.12 -41.28
N ASP C 18 -48.43 -41.13 -42.10
CA ASP C 18 -48.21 -41.18 -43.55
C ASP C 18 -46.73 -40.99 -43.90
N ILE C 19 -46.05 -40.12 -43.16
CA ILE C 19 -44.61 -39.88 -43.34
C ILE C 19 -43.78 -41.03 -42.75
N GLN C 20 -44.34 -41.73 -41.76
CA GLN C 20 -43.70 -42.91 -41.18
C GLN C 20 -43.58 -44.07 -42.18
N ARG C 21 -44.54 -44.14 -43.11
CA ARG C 21 -44.53 -45.12 -44.20
C ARG C 21 -43.54 -44.73 -45.29
N MET C 22 -43.23 -43.44 -45.37
CA MET C 22 -42.30 -42.91 -46.37
C MET C 22 -40.85 -43.30 -46.09
N LEU C 23 -40.40 -43.11 -44.85
CA LEU C 23 -39.02 -43.41 -44.46
C LEU C 23 -38.75 -44.92 -44.30
C1 NAL C 24 -39.84 -45.22 -40.15
C2 NAL C 24 -38.97 -46.13 -40.76
C3 NAL C 24 -37.58 -46.05 -40.58
C4 NAL C 24 -37.02 -45.04 -39.79
C4A NAL C 24 -37.84 -44.11 -39.17
C5 NAL C 24 -37.32 -43.09 -38.37
C6 NAL C 24 -38.19 -42.17 -37.77
C7 NAL C 24 -39.57 -42.26 -37.94
C8 NAL C 24 -40.14 -43.27 -38.73
C8A NAL C 24 -39.31 -44.20 -39.36
C9 NAL C 24 -39.56 -47.24 -41.62
CA NAL C 24 -39.32 -46.98 -43.12
C NAL C 24 -40.24 -47.86 -43.95
N NAL C 24 -39.54 -45.57 -43.45
O NAL C 24 -41.42 -48.02 -43.64
N PRO D . -19.38 -11.39 -22.60
CA PRO D . -19.29 -11.58 -21.17
C PRO D . -20.41 -10.85 -20.43
O PRO D . -21.59 -10.97 -20.79
CB PRO D . -17.93 -10.98 -20.83
CG PRO D . -17.11 -11.23 -22.05
CD PRO D . -18.05 -11.29 -23.23
OXT PRO D . -20.19 -10.13 -19.45
N PRO E . 23.09 -11.17 -12.62
CA PRO E . 22.81 -11.43 -11.21
C PRO E . 24.01 -12.04 -10.48
O PRO E . 24.34 -13.22 -10.66
CB PRO E . 21.65 -12.43 -11.28
CG PRO E . 20.93 -12.07 -12.54
CD PRO E . 21.93 -11.44 -13.48
OXT PRO E . 24.68 -11.37 -9.71
N PRO F . -21.19 -40.13 -5.55
CA PRO F . -21.53 -40.82 -4.32
C PRO F . -22.14 -39.90 -3.26
O PRO F . -23.14 -40.24 -2.62
CB PRO F . -20.17 -41.35 -3.87
CG PRO F . -19.50 -41.70 -5.16
CD PRO F . -19.96 -40.67 -6.16
OXT PRO F . -21.66 -38.79 -3.01
N PRO G . -12.40 7.59 27.37
CA PRO G . -12.69 9.02 27.23
C PRO G . -12.56 9.49 25.79
O PRO G . -11.67 9.07 25.05
CB PRO G . -11.61 9.69 28.11
CG PRO G . -10.97 8.58 28.91
CD PRO G . -11.69 7.31 28.63
OXT PRO G . -13.35 10.31 25.31
#